data_9F6U
#
_entry.id   9F6U
#
_cell.length_a   1.00
_cell.length_b   1.00
_cell.length_c   1.00
_cell.angle_alpha   90.00
_cell.angle_beta   90.00
_cell.angle_gamma   90.00
#
_symmetry.space_group_name_H-M   'P 1'
#
loop_
_entity.id
_entity.type
_entity.pdbx_description
1 polymer 'Asgard tubulin A (AtubA) from Candidatus Lokiarchaeum ossiferum'
2 polymer 'Asgard tubulin B (AtubB) from Candidatus Lokiarchaeum ossiferum'
3 non-polymer "GUANOSINE-5'-DIPHOSPHATE"
4 non-polymer "GUANOSINE-5'-TRIPHOSPHATE"
#
loop_
_entity_poly.entity_id
_entity_poly.type
_entity_poly.pdbx_seq_one_letter_code
_entity_poly.pdbx_strand_id
1 'polypeptide(L)'
;MAGEIVCIQVGQAGNQIAGAFWQKICAEHGIDPVNGKAIDVVGDTDIFFNTIGDKYIPRAVVVDLEPAVVENIREKFGTL
FDPKSIVSGADGAGNNFAIGFNEHGAETLEKVMQVVEQRVSETESIGGFILTHSCGGGTGSGFGSKILKTIRERYPKVPI
FTFSIFPSPKISETVVEPYNAIMTLSNLIKYASCSIVLDNEALFSIAEKKLEVENPSLEDLNLIIAQVLTNVTASLRFSG
TLNLDLGKLVTNLVPFSNLHFLMASTAPLVLAGKESYEKMTAKELSAQVFGDEYICAACKPTTGRYLAASVLFRGAVKTS
DVNEAMATVKEQNSFVNWIPTGFKISKSETSPKDSALGVIMLGNNSEIVSVFERIGANFDRLWSRKAFAHWFTDSGFEEK
DLDDARALVQKVIDDYRKLTEDA
;
A
2 'polypeptide(L)'
;MGREVIMLHVGQAGIQVGAMYWKQICAEHNLDHNGAPIGGDIKGDPDCFFMKASGGKYVPRALLIDLEPKVVRQVGNEQL
PSFFDPKNLIHGLYGGANSFAKGYLGEGRDMIDNIMEQLKKEVAKCESLQGFIMTHAVGGGSGGGLGCLIMEKIKEEYPK
KILWSYSILPSPLLSDAVVEPYNAILSLDKMIQYTDETVVIDNHALFQIVTKNMGIDDPIYDDLNHVISQALSDITASLR
FKGSLNTDMKEFLVNLVPYPRSHFLMASFAPMATAEDRQYAKLTTSNLANALFEENYMMAAVDVTKGTFLACSLLFRGEN
TAQDITNALLDIKGRIKFSSFIPTGIKYGMTGTAPEGLERSGSALINHTGVAEIFNRILAQFNLMFDKGAFLNWYEIEGM
SKDDFAGARDNVQKLSDEYKRDEE
;
B
#
loop_
_chem_comp.id
_chem_comp.type
_chem_comp.name
_chem_comp.formula
GDP RNA linking GUANOSINE-5'-DIPHOSPHATE 'C10 H15 N5 O11 P2'
GTP non-polymer GUANOSINE-5'-TRIPHOSPHATE 'C10 H16 N5 O14 P3'
#
# COMPACT_ATOMS: atom_id res chain seq x y z
N ALA A 2 11.77 9.31 6.65
CA ALA A 2 10.59 8.91 7.36
C ALA A 2 10.21 7.51 6.91
N GLY A 3 9.40 6.77 7.69
CA GLY A 3 9.02 5.40 7.40
C GLY A 3 10.17 4.43 7.62
N GLU A 4 11.05 4.76 8.56
CA GLU A 4 12.28 4.07 8.85
C GLU A 4 12.04 2.94 9.86
N ILE A 5 12.92 1.94 9.86
CA ILE A 5 12.71 0.78 10.72
C ILE A 5 13.81 0.56 11.75
N VAL A 6 13.43 0.38 13.00
CA VAL A 6 14.39 0.10 14.03
C VAL A 6 14.33 -1.38 14.33
N CYS A 7 15.45 -2.02 14.22
CA CYS A 7 15.47 -3.44 14.43
C CYS A 7 16.08 -3.76 15.78
N ILE A 8 15.44 -4.63 16.53
CA ILE A 8 15.93 -4.99 17.83
C ILE A 8 16.26 -6.46 17.84
N GLN A 9 17.50 -6.74 18.15
CA GLN A 9 18.11 -8.06 18.10
C GLN A 9 18.31 -8.62 19.51
N VAL A 10 17.64 -9.71 19.88
CA VAL A 10 17.70 -10.15 21.27
C VAL A 10 18.14 -11.61 21.42
N GLY A 11 19.18 -11.82 22.22
CA GLY A 11 19.65 -13.15 22.56
C GLY A 11 20.57 -13.70 21.49
N GLN A 12 21.19 -14.85 21.78
CA GLN A 12 22.15 -15.39 20.83
C GLN A 12 21.50 -15.79 19.54
N ALA A 13 20.34 -16.42 19.56
CA ALA A 13 19.76 -16.76 18.27
C ALA A 13 19.58 -15.51 17.42
N GLY A 14 19.18 -14.42 18.09
CA GLY A 14 18.98 -13.16 17.39
C GLY A 14 20.28 -12.69 16.79
N ASN A 15 21.34 -12.74 17.56
CA ASN A 15 22.61 -12.27 17.05
C ASN A 15 23.05 -13.08 15.88
N GLN A 16 22.85 -14.37 15.91
CA GLN A 16 23.38 -15.16 14.81
C GLN A 16 22.59 -14.92 13.53
N ILE A 17 21.26 -14.77 13.63
CA ILE A 17 20.52 -14.50 12.40
C ILE A 17 20.85 -13.14 11.88
N ALA A 18 20.88 -12.16 12.78
CA ALA A 18 21.14 -10.80 12.39
C ALA A 18 22.48 -10.66 11.74
N GLY A 19 23.47 -11.40 12.22
CA GLY A 19 24.74 -11.29 11.57
C GLY A 19 24.62 -11.62 10.13
N ALA A 20 24.04 -12.78 9.85
CA ALA A 20 23.91 -13.16 8.44
C ALA A 20 23.07 -12.16 7.68
N PHE A 21 22.04 -11.63 8.33
CA PHE A 21 21.12 -10.72 7.68
C PHE A 21 21.80 -9.46 7.26
N TRP A 22 22.46 -8.81 8.19
CA TRP A 22 23.04 -7.52 7.87
C TRP A 22 24.19 -7.65 6.90
N GLN A 23 24.92 -8.75 6.93
CA GLN A 23 25.94 -8.91 5.91
C GLN A 23 25.30 -8.97 4.53
N LYS A 24 24.22 -9.75 4.41
CA LYS A 24 23.61 -9.88 3.11
C LYS A 24 22.96 -8.60 2.65
N ILE A 25 22.30 -7.91 3.55
CA ILE A 25 21.66 -6.69 3.14
C ILE A 25 22.69 -5.67 2.71
N CYS A 26 23.79 -5.55 3.44
CA CYS A 26 24.76 -4.57 3.03
C CYS A 26 25.23 -4.88 1.63
N ALA A 27 25.50 -6.14 1.37
CA ALA A 27 25.99 -6.49 0.05
C ALA A 27 25.01 -6.09 -1.02
N GLU A 28 23.72 -6.27 -0.76
CA GLU A 28 22.70 -5.92 -1.76
C GLU A 28 22.66 -4.43 -2.03
N HIS A 29 22.81 -3.60 -0.99
CA HIS A 29 22.80 -2.17 -1.21
C HIS A 29 24.12 -1.68 -1.78
N GLY A 30 25.21 -2.39 -1.53
CA GLY A 30 26.51 -1.95 -1.98
C GLY A 30 27.35 -1.43 -0.86
N ILE A 31 26.97 -1.73 0.36
CA ILE A 31 27.69 -1.25 1.53
C ILE A 31 28.58 -2.36 2.06
N ASP A 32 29.81 -2.02 2.36
CA ASP A 32 30.76 -3.02 2.83
C ASP A 32 30.40 -3.48 4.23
N PRO A 33 30.06 -4.75 4.40
CA PRO A 33 29.73 -5.25 5.71
C PRO A 33 30.90 -5.12 6.65
N VAL A 34 30.62 -4.95 7.93
CA VAL A 34 31.68 -4.77 8.94
C VAL A 34 32.37 -3.43 8.74
N ASN A 35 33.09 -3.29 7.62
CA ASN A 35 33.81 -2.05 7.37
C ASN A 35 34.11 -1.91 5.89
N GLY A 36 34.57 -0.73 5.49
CA GLY A 36 34.86 -0.47 4.10
C GLY A 36 33.89 0.49 3.45
N LYS A 37 33.03 1.10 4.24
CA LYS A 37 32.08 2.09 3.72
C LYS A 37 31.24 1.47 2.62
N ALA A 38 31.12 2.13 1.47
CA ALA A 38 30.32 1.59 0.37
C ALA A 38 30.69 2.16 -0.99
N ILE A 39 29.95 1.71 -2.00
CA ILE A 39 30.21 2.10 -3.37
C ILE A 39 28.91 2.29 -4.11
N ASP A 40 28.60 3.51 -4.50
CA ASP A 40 27.43 3.76 -5.33
C ASP A 40 26.17 3.06 -4.81
N VAL A 41 25.80 3.37 -3.57
CA VAL A 41 24.69 2.71 -2.92
C VAL A 41 23.37 2.93 -3.62
N VAL A 42 22.61 1.86 -3.77
CA VAL A 42 21.30 1.92 -4.41
C VAL A 42 20.24 1.37 -3.48
N GLY A 43 18.97 1.69 -3.74
CA GLY A 43 17.86 1.20 -2.93
C GLY A 43 17.54 2.19 -1.83
N ASP A 44 16.42 2.01 -1.13
CA ASP A 44 16.08 3.02 -0.12
C ASP A 44 16.81 2.68 1.18
N THR A 45 18.08 3.03 1.16
CA THR A 45 19.03 2.65 2.17
C THR A 45 18.64 3.13 3.54
N ASP A 46 18.17 4.37 3.64
CA ASP A 46 17.91 4.99 4.93
C ASP A 46 16.78 4.36 5.72
N ILE A 47 15.99 3.46 5.14
CA ILE A 47 15.00 2.78 5.94
C ILE A 47 15.67 1.93 6.99
N PHE A 48 16.73 1.25 6.62
CA PHE A 48 17.36 0.34 7.52
C PHE A 48 18.71 0.81 8.01
N PHE A 49 19.33 1.76 7.35
CA PHE A 49 20.64 2.21 7.74
C PHE A 49 20.65 3.67 8.06
N ASN A 50 21.52 4.04 8.91
CA ASN A 50 21.65 5.44 9.21
C ASN A 50 22.85 5.91 8.45
N THR A 51 22.65 6.77 7.49
CA THR A 51 23.81 7.23 6.78
C THR A 51 24.49 8.23 7.66
N ILE A 52 25.77 8.04 7.90
CA ILE A 52 26.51 8.88 8.78
C ILE A 52 27.36 9.88 8.05
N GLY A 53 28.02 9.42 7.01
CA GLY A 53 28.98 10.20 6.27
C GLY A 53 30.20 9.36 6.06
N ASP A 54 30.28 8.83 4.84
CA ASP A 54 31.32 7.87 4.46
C ASP A 54 31.28 6.72 5.43
N LYS A 55 30.07 6.40 5.82
CA LYS A 55 29.76 5.35 6.77
C LYS A 55 28.26 5.20 6.85
N TYR A 56 27.82 3.96 6.97
CA TYR A 56 26.44 3.61 7.22
C TYR A 56 26.40 2.62 8.37
N ILE A 57 25.40 2.75 9.26
CA ILE A 57 25.24 1.70 10.25
C ILE A 57 23.83 1.19 10.24
N PRO A 58 23.61 -0.06 10.56
CA PRO A 58 22.28 -0.56 10.76
C PRO A 58 21.59 0.21 11.87
N ARG A 59 20.31 0.52 11.67
CA ARG A 59 19.52 1.16 12.70
C ARG A 59 19.08 0.07 13.64
N ALA A 60 19.97 -0.37 14.51
CA ALA A 60 19.62 -1.54 15.27
C ALA A 60 20.18 -1.52 16.67
N VAL A 61 19.54 -2.32 17.52
CA VAL A 61 19.79 -2.48 18.95
C VAL A 61 20.15 -3.91 19.26
N VAL A 62 21.22 -4.14 20.01
CA VAL A 62 21.61 -5.51 20.36
C VAL A 62 21.49 -5.78 21.86
N VAL A 63 20.75 -6.80 22.21
CA VAL A 63 20.52 -7.12 23.60
C VAL A 63 21.11 -8.46 23.97
N ASP A 64 22.14 -8.40 24.78
CA ASP A 64 22.87 -9.55 25.26
C ASP A 64 22.73 -9.61 26.75
N LEU A 65 21.72 -10.31 27.25
CA LEU A 65 21.61 -10.27 28.68
C LEU A 65 22.87 -10.81 29.28
N GLU A 66 23.26 -11.95 28.85
CA GLU A 66 24.49 -12.50 29.36
C GLU A 66 25.65 -11.76 28.73
N PRO A 67 26.56 -11.21 29.52
CA PRO A 67 27.69 -10.46 29.00
C PRO A 67 28.66 -11.31 28.20
N ALA A 68 28.55 -12.63 28.35
CA ALA A 68 29.44 -13.58 27.72
C ALA A 68 29.38 -13.57 26.22
N VAL A 69 28.34 -13.02 25.63
CA VAL A 69 28.22 -13.09 24.19
C VAL A 69 28.33 -11.73 23.51
N VAL A 70 28.82 -10.70 24.19
CA VAL A 70 28.84 -9.40 23.51
C VAL A 70 29.82 -9.40 22.34
N GLU A 71 30.89 -10.18 22.43
CA GLU A 71 31.88 -10.27 21.36
C GLU A 71 31.33 -10.89 20.08
N ASN A 72 30.21 -11.59 20.16
CA ASN A 72 29.67 -12.11 18.91
C ASN A 72 29.26 -10.97 18.02
N ILE A 73 28.93 -9.82 18.59
CA ILE A 73 28.69 -8.66 17.77
C ILE A 73 29.94 -7.78 17.71
N ARG A 74 30.58 -7.56 18.85
CA ARG A 74 31.71 -6.65 18.82
C ARG A 74 32.78 -7.09 17.84
N GLU A 75 33.06 -8.38 17.76
CA GLU A 75 34.09 -8.80 16.86
C GLU A 75 33.59 -9.59 15.68
N LYS A 76 32.66 -10.50 15.87
CA LYS A 76 32.30 -11.32 14.72
C LYS A 76 31.45 -10.58 13.72
N PHE A 77 30.36 -9.96 14.17
CA PHE A 77 29.62 -9.11 13.26
C PHE A 77 30.57 -8.05 12.78
N GLY A 78 31.29 -7.45 13.71
CA GLY A 78 32.28 -6.45 13.41
C GLY A 78 31.78 -5.02 13.52
N THR A 79 32.60 -4.08 13.00
CA THR A 79 32.45 -2.63 13.17
C THR A 79 31.24 -2.07 12.45
N LEU A 80 30.58 -2.91 11.67
CA LEU A 80 29.34 -2.56 11.01
C LEU A 80 28.27 -2.19 12.01
N PHE A 81 28.10 -2.93 13.11
CA PHE A 81 27.03 -2.52 14.01
C PHE A 81 27.65 -1.66 15.11
N ASP A 82 27.22 -0.41 15.24
CA ASP A 82 27.83 0.58 16.13
C ASP A 82 27.80 0.05 17.55
N PRO A 83 28.95 -0.17 18.17
CA PRO A 83 29.05 -0.85 19.47
C PRO A 83 28.39 -0.10 20.60
N LYS A 84 28.10 1.18 20.41
CA LYS A 84 27.41 1.92 21.44
C LYS A 84 25.98 1.45 21.61
N SER A 85 25.47 0.71 20.63
CA SER A 85 24.13 0.15 20.62
C SER A 85 24.09 -1.26 21.17
N ILE A 86 25.18 -1.75 21.76
CA ILE A 86 25.15 -3.05 22.40
C ILE A 86 24.83 -2.87 23.87
N VAL A 87 23.80 -3.56 24.31
CA VAL A 87 23.31 -3.53 25.67
C VAL A 87 23.46 -4.90 26.27
N SER A 88 24.02 -4.98 27.46
CA SER A 88 24.17 -6.26 28.11
C SER A 88 24.01 -6.11 29.61
N GLY A 89 23.75 -7.24 30.27
CA GLY A 89 23.56 -7.26 31.70
C GLY A 89 24.77 -7.78 32.46
N ALA A 90 24.59 -7.91 33.77
CA ALA A 90 25.64 -8.41 34.66
C ALA A 90 25.79 -9.91 34.58
N ASP A 91 24.70 -10.61 34.27
CA ASP A 91 24.72 -12.05 34.24
C ASP A 91 23.69 -12.47 33.21
N GLY A 92 23.59 -13.77 33.00
CA GLY A 92 22.66 -14.31 32.04
C GLY A 92 21.46 -14.96 32.67
N ALA A 93 20.95 -15.99 32.01
CA ALA A 93 19.78 -16.71 32.42
C ALA A 93 19.91 -18.10 31.86
N GLY A 94 19.34 -19.08 32.54
CA GLY A 94 19.28 -20.40 31.95
C GLY A 94 18.09 -20.36 31.03
N ASN A 95 17.74 -21.50 30.47
CA ASN A 95 16.62 -21.44 29.53
C ASN A 95 15.29 -21.53 30.26
N ASN A 96 15.00 -20.43 30.94
CA ASN A 96 13.79 -20.24 31.72
C ASN A 96 13.26 -18.87 31.40
N PHE A 97 12.13 -18.88 30.73
CA PHE A 97 11.47 -17.67 30.32
C PHE A 97 11.28 -16.77 31.49
N ALA A 98 10.91 -17.34 32.61
CA ALA A 98 10.66 -16.55 33.80
C ALA A 98 11.90 -15.80 34.22
N ILE A 99 13.08 -16.36 34.04
CA ILE A 99 14.21 -15.60 34.51
C ILE A 99 14.36 -14.39 33.66
N GLY A 100 14.29 -14.56 32.35
CA GLY A 100 14.49 -13.38 31.53
C GLY A 100 13.33 -12.40 31.61
N PHE A 101 12.12 -12.90 31.85
CA PHE A 101 10.93 -12.08 31.78
C PHE A 101 10.45 -11.44 33.10
N ASN A 102 10.51 -12.13 34.24
CA ASN A 102 9.90 -11.62 35.48
C ASN A 102 10.86 -10.95 36.46
N GLU A 103 10.90 -9.61 36.45
CA GLU A 103 11.71 -8.81 37.41
C GLU A 103 13.19 -9.16 37.43
N HIS A 104 13.78 -9.36 36.26
CA HIS A 104 15.21 -9.63 36.18
C HIS A 104 15.86 -8.72 35.15
N GLY A 105 17.06 -8.29 35.46
CA GLY A 105 17.75 -7.45 34.53
C GLY A 105 17.10 -6.10 34.41
N ALA A 106 16.47 -5.61 35.49
CA ALA A 106 15.73 -4.35 35.41
C ALA A 106 16.61 -3.21 34.96
N GLU A 107 17.84 -3.21 35.44
CA GLU A 107 18.79 -2.20 35.05
C GLU A 107 19.18 -2.38 33.60
N THR A 108 19.31 -3.64 33.19
CA THR A 108 19.64 -3.95 31.83
C THR A 108 18.54 -3.44 30.94
N LEU A 109 17.30 -3.68 31.34
CA LEU A 109 16.13 -3.29 30.57
C LEU A 109 16.03 -1.79 30.45
N GLU A 110 16.35 -1.08 31.51
CA GLU A 110 16.35 0.36 31.34
C GLU A 110 17.32 0.73 30.26
N LYS A 111 18.52 0.15 30.31
CA LYS A 111 19.48 0.50 29.26
C LYS A 111 18.99 0.04 27.90
N VAL A 112 18.31 -1.11 27.83
CA VAL A 112 17.84 -1.58 26.53
C VAL A 112 16.96 -0.53 25.95
N MET A 113 16.03 -0.05 26.75
CA MET A 113 15.13 0.89 26.17
C MET A 113 15.79 2.23 25.94
N GLN A 114 16.77 2.62 26.72
CA GLN A 114 17.43 3.87 26.40
C GLN A 114 18.01 3.77 25.03
N VAL A 115 18.60 2.64 24.72
CA VAL A 115 19.19 2.49 23.42
C VAL A 115 18.11 2.44 22.35
N VAL A 116 16.99 1.78 22.61
CA VAL A 116 15.95 1.79 21.60
C VAL A 116 15.52 3.19 21.34
N GLU A 117 15.36 3.95 22.39
CA GLU A 117 14.93 5.32 22.24
C GLU A 117 15.92 6.12 21.42
N GLN A 118 17.23 5.86 21.57
CA GLN A 118 18.20 6.59 20.75
C GLN A 118 18.01 6.27 19.30
N ARG A 119 17.79 5.01 18.98
CA ARG A 119 17.66 4.71 17.57
C ARG A 119 16.40 5.34 17.03
N VAL A 120 15.36 5.44 17.86
CA VAL A 120 14.14 6.10 17.46
C VAL A 120 14.32 7.61 17.28
N SER A 121 15.00 8.29 18.20
CA SER A 121 15.13 9.75 18.08
C SER A 121 15.97 10.13 16.87
N GLU A 122 16.82 9.24 16.40
CA GLU A 122 17.65 9.47 15.23
C GLU A 122 16.91 9.21 13.94
N THR A 123 15.67 8.80 14.05
CA THR A 123 14.85 8.42 12.92
C THR A 123 13.74 9.46 12.72
N GLU A 124 13.48 9.90 11.48
CA GLU A 124 12.49 10.97 11.30
C GLU A 124 11.11 10.51 11.75
N SER A 125 10.75 9.28 11.43
CA SER A 125 9.49 8.70 11.90
C SER A 125 9.66 7.19 11.90
N ILE A 126 8.89 6.51 12.72
CA ILE A 126 9.03 5.07 12.83
C ILE A 126 7.97 4.37 12.03
N GLY A 127 8.41 3.64 11.03
CA GLY A 127 7.54 2.89 10.16
C GLY A 127 7.18 1.59 10.79
N GLY A 128 7.89 1.28 11.85
CA GLY A 128 7.67 0.08 12.62
C GLY A 128 8.95 -0.41 13.25
N PHE A 129 8.80 -1.45 14.06
CA PHE A 129 9.89 -2.11 14.72
C PHE A 129 9.91 -3.56 14.27
N ILE A 130 11.10 -4.12 14.20
CA ILE A 130 11.22 -5.54 13.91
C ILE A 130 12.02 -6.22 15.01
N LEU A 131 11.50 -7.30 15.59
CA LEU A 131 12.26 -8.03 16.60
C LEU A 131 12.72 -9.36 16.06
N THR A 132 13.93 -9.76 16.39
CA THR A 132 14.41 -11.09 16.03
C THR A 132 14.93 -11.87 17.23
N HIS A 133 14.34 -13.05 17.48
CA HIS A 133 14.73 -13.86 18.63
C HIS A 133 14.22 -15.30 18.50
N SER A 134 14.79 -16.22 19.27
CA SER A 134 14.17 -17.54 19.32
C SER A 134 13.14 -17.55 20.44
N CYS A 135 12.27 -18.53 20.44
CA CYS A 135 11.19 -18.54 21.40
C CYS A 135 11.50 -19.28 22.69
N GLY A 136 12.50 -20.14 22.69
CA GLY A 136 12.77 -20.94 23.88
C GLY A 136 13.92 -20.46 24.74
N GLY A 137 14.55 -19.33 24.40
CA GLY A 137 15.75 -18.90 25.11
C GLY A 137 15.52 -18.08 26.37
N GLY A 138 16.44 -18.26 27.31
CA GLY A 138 16.40 -17.52 28.57
C GLY A 138 16.42 -16.03 28.38
N THR A 139 17.11 -15.56 27.36
CA THR A 139 17.11 -14.15 27.04
C THR A 139 16.28 -13.90 25.83
N GLY A 140 16.47 -14.78 24.86
CA GLY A 140 15.82 -14.68 23.58
C GLY A 140 14.35 -14.40 23.75
N SER A 141 13.65 -15.23 24.47
CA SER A 141 12.26 -14.92 24.62
C SER A 141 11.98 -14.28 25.95
N GLY A 142 12.82 -14.50 26.93
CA GLY A 142 12.61 -13.85 28.21
C GLY A 142 12.64 -12.36 28.06
N PHE A 143 13.79 -11.84 27.62
CA PHE A 143 13.85 -10.42 27.38
C PHE A 143 13.07 -10.09 26.15
N GLY A 144 13.16 -10.92 25.14
CA GLY A 144 12.47 -10.58 23.91
C GLY A 144 11.01 -10.25 24.15
N SER A 145 10.37 -10.98 25.07
CA SER A 145 8.98 -10.74 25.40
C SER A 145 8.83 -9.51 26.27
N LYS A 146 9.76 -9.30 27.20
CA LYS A 146 9.63 -8.10 28.01
C LYS A 146 9.82 -6.87 27.16
N ILE A 147 10.71 -6.98 26.20
CA ILE A 147 10.98 -5.89 25.30
C ILE A 147 9.76 -5.65 24.44
N LEU A 148 9.19 -6.70 23.86
CA LEU A 148 8.01 -6.52 23.02
C LEU A 148 6.97 -5.73 23.77
N LYS A 149 6.73 -6.12 25.00
CA LYS A 149 5.69 -5.44 25.72
C LYS A 149 6.06 -4.01 26.04
N THR A 150 7.27 -3.77 26.50
CA THR A 150 7.57 -2.41 26.90
C THR A 150 7.63 -1.50 25.69
N ILE A 151 7.99 -2.03 24.53
CA ILE A 151 7.96 -1.18 23.36
C ILE A 151 6.55 -0.74 23.10
N ARG A 152 5.60 -1.68 23.10
CA ARG A 152 4.23 -1.26 22.78
C ARG A 152 3.74 -0.25 23.77
N GLU A 153 4.15 -0.36 25.01
CA GLU A 153 3.71 0.61 26.00
C GLU A 153 4.14 2.00 25.60
N ARG A 154 5.35 2.12 25.04
CA ARG A 154 5.83 3.44 24.60
C ARG A 154 5.32 3.85 23.21
N TYR A 155 5.13 2.88 22.33
CA TYR A 155 4.77 3.15 20.95
C TYR A 155 3.57 2.32 20.54
N PRO A 156 2.39 2.60 21.11
CA PRO A 156 1.19 1.77 20.88
C PRO A 156 0.69 1.78 19.46
N LYS A 157 1.08 2.78 18.70
CA LYS A 157 0.65 2.93 17.32
C LYS A 157 1.73 2.56 16.33
N VAL A 158 2.84 2.04 16.80
CA VAL A 158 3.91 1.68 15.90
C VAL A 158 3.92 0.17 15.79
N PRO A 159 3.68 -0.39 14.65
CA PRO A 159 3.57 -1.83 14.53
C PRO A 159 4.89 -2.49 14.82
N ILE A 160 4.84 -3.61 15.53
CA ILE A 160 6.04 -4.42 15.75
C ILE A 160 5.83 -5.70 15.03
N PHE A 161 6.74 -6.00 14.16
CA PHE A 161 6.70 -7.20 13.36
C PHE A 161 7.79 -8.08 13.92
N THR A 162 7.56 -9.38 14.06
CA THR A 162 8.69 -10.16 14.56
C THR A 162 8.95 -11.38 13.71
N PHE A 163 10.18 -11.82 13.77
CA PHE A 163 10.59 -13.06 13.13
C PHE A 163 11.09 -13.90 14.27
N SER A 164 10.29 -14.86 14.69
CA SER A 164 10.67 -15.58 15.87
C SER A 164 10.94 -17.02 15.53
N ILE A 165 11.88 -17.60 16.24
CA ILE A 165 12.25 -18.96 15.93
C ILE A 165 11.77 -19.92 17.00
N PHE A 166 10.87 -20.78 16.61
CA PHE A 166 10.33 -21.72 17.54
C PHE A 166 11.22 -22.94 17.64
N PRO A 167 11.39 -23.41 18.85
CA PRO A 167 12.25 -24.54 19.17
C PRO A 167 11.64 -25.85 18.78
N SER A 168 12.51 -26.84 18.76
CA SER A 168 12.15 -28.17 18.56
C SER A 168 13.14 -28.95 19.39
N PRO A 169 12.69 -29.85 20.25
CA PRO A 169 13.55 -30.66 21.12
C PRO A 169 14.22 -31.77 20.34
N LYS A 170 15.06 -31.35 19.39
CA LYS A 170 15.64 -32.20 18.35
C LYS A 170 16.32 -33.43 18.93
N ILE A 171 17.05 -33.27 20.03
CA ILE A 171 17.71 -34.43 20.61
C ILE A 171 17.19 -34.67 22.01
N SER A 172 16.04 -35.32 22.12
CA SER A 172 15.42 -35.68 23.39
C SER A 172 15.40 -34.54 24.41
N GLU A 173 15.04 -33.33 23.99
CA GLU A 173 15.11 -32.24 24.97
C GLU A 173 13.81 -32.17 25.75
N THR A 174 13.68 -33.11 26.67
CA THR A 174 12.53 -33.23 27.55
C THR A 174 12.76 -32.28 28.71
N VAL A 175 12.70 -31.00 28.38
CA VAL A 175 13.07 -29.92 29.28
C VAL A 175 11.92 -28.92 29.36
N VAL A 176 12.07 -27.94 30.24
CA VAL A 176 11.06 -26.91 30.48
C VAL A 176 10.85 -25.96 29.32
N GLU A 177 11.65 -26.06 28.28
CA GLU A 177 11.53 -25.14 27.17
C GLU A 177 10.10 -24.93 26.65
N PRO A 178 9.23 -25.93 26.56
CA PRO A 178 7.86 -25.69 26.10
C PRO A 178 7.15 -24.68 26.93
N TYR A 179 7.60 -24.55 28.17
CA TYR A 179 7.06 -23.57 29.09
C TYR A 179 7.51 -22.20 28.64
N ASN A 180 8.68 -22.13 28.04
CA ASN A 180 9.16 -20.85 27.59
C ASN A 180 8.45 -20.50 26.33
N ALA A 181 8.26 -21.52 25.51
CA ALA A 181 7.66 -21.29 24.22
C ALA A 181 6.22 -20.85 24.38
N ILE A 182 5.49 -21.43 25.31
CA ILE A 182 4.11 -21.02 25.38
C ILE A 182 4.03 -19.67 26.01
N MET A 183 4.88 -19.37 26.98
CA MET A 183 4.74 -18.08 27.56
C MET A 183 5.09 -16.99 26.58
N THR A 184 6.06 -17.23 25.71
CA THR A 184 6.31 -16.17 24.76
C THR A 184 5.24 -16.12 23.70
N LEU A 185 4.67 -17.27 23.34
CA LEU A 185 3.63 -17.26 22.35
C LEU A 185 2.51 -16.42 22.84
N SER A 186 2.22 -16.55 24.10
CA SER A 186 1.17 -15.75 24.66
C SER A 186 1.48 -14.30 24.48
N ASN A 187 2.70 -13.92 24.79
CA ASN A 187 2.94 -12.51 24.67
C ASN A 187 2.97 -12.07 23.24
N LEU A 188 3.34 -12.93 22.31
CA LEU A 188 3.32 -12.51 20.92
C LEU A 188 1.89 -12.23 20.54
N ILE A 189 0.99 -13.06 20.98
CA ILE A 189 -0.40 -12.82 20.66
C ILE A 189 -0.84 -11.52 21.27
N LYS A 190 -0.47 -11.28 22.51
CA LYS A 190 -0.95 -10.08 23.17
C LYS A 190 -0.37 -8.81 22.57
N TYR A 191 0.89 -8.79 22.17
CA TYR A 191 1.47 -7.50 21.79
C TYR A 191 2.01 -7.31 20.36
N ALA A 192 2.32 -8.36 19.61
CA ALA A 192 2.91 -8.13 18.30
C ALA A 192 1.83 -7.75 17.32
N SER A 193 2.18 -6.98 16.29
CA SER A 193 1.22 -6.77 15.24
C SER A 193 1.16 -8.00 14.38
N CYS A 194 2.33 -8.52 14.04
CA CYS A 194 2.44 -9.71 13.22
C CYS A 194 3.75 -10.39 13.48
N SER A 195 3.83 -11.63 13.03
CA SER A 195 5.11 -12.31 13.10
C SER A 195 5.25 -13.44 12.12
N ILE A 196 6.48 -13.76 11.80
CA ILE A 196 6.78 -14.91 10.99
C ILE A 196 7.14 -16.02 11.91
N VAL A 197 6.53 -17.14 11.68
CA VAL A 197 6.78 -18.31 12.48
C VAL A 197 7.83 -19.13 11.78
N LEU A 198 9.00 -19.20 12.37
CA LEU A 198 10.06 -20.02 11.82
C LEU A 198 10.23 -21.22 12.72
N ASP A 199 10.00 -22.41 12.20
CA ASP A 199 10.09 -23.59 13.04
C ASP A 199 11.38 -24.30 12.71
N ASN A 200 12.27 -24.44 13.68
CA ASN A 200 13.53 -25.09 13.33
C ASN A 200 13.30 -26.48 12.77
N GLU A 201 12.27 -27.20 13.18
CA GLU A 201 12.13 -28.56 12.64
C GLU A 201 11.85 -28.52 11.16
N ALA A 202 11.04 -27.56 10.77
CA ALA A 202 10.68 -27.45 9.38
C ALA A 202 11.89 -27.14 8.57
N LEU A 203 12.63 -26.19 9.08
CA LEU A 203 13.78 -25.69 8.37
C LEU A 203 14.82 -26.78 8.30
N PHE A 204 14.90 -27.57 9.36
CA PHE A 204 15.81 -28.67 9.38
C PHE A 204 15.47 -29.60 8.24
N SER A 205 14.19 -29.91 8.08
CA SER A 205 13.86 -30.85 7.04
C SER A 205 14.16 -30.28 5.68
N ILE A 206 14.01 -28.97 5.54
CA ILE A 206 14.31 -28.35 4.25
C ILE A 206 15.79 -28.42 3.99
N ALA A 207 16.58 -28.08 4.97
CA ALA A 207 18.01 -28.12 4.74
C ALA A 207 18.44 -29.51 4.38
N GLU A 208 17.82 -30.48 5.01
CA GLU A 208 18.18 -31.86 4.78
C GLU A 208 17.71 -32.33 3.42
N LYS A 209 16.52 -31.90 3.01
CA LYS A 209 15.92 -32.45 1.80
C LYS A 209 16.18 -31.63 0.54
N LYS A 210 16.26 -30.33 0.66
CA LYS A 210 16.44 -29.49 -0.51
C LYS A 210 17.82 -28.87 -0.55
N LEU A 211 18.42 -28.57 0.60
CA LEU A 211 19.77 -28.04 0.56
C LEU A 211 20.78 -29.15 0.62
N GLU A 212 20.30 -30.38 0.73
CA GLU A 212 21.10 -31.59 0.75
C GLU A 212 22.20 -31.55 1.78
N VAL A 213 21.87 -31.13 2.99
CA VAL A 213 22.87 -31.06 4.05
C VAL A 213 22.64 -32.20 5.04
N GLU A 214 23.66 -33.05 5.20
CA GLU A 214 23.54 -34.23 6.04
C GLU A 214 23.32 -33.90 7.51
N ASN A 215 23.97 -32.86 8.00
CA ASN A 215 23.84 -32.52 9.39
C ASN A 215 24.18 -31.07 9.61
N PRO A 216 23.28 -30.16 9.29
CA PRO A 216 23.59 -28.73 9.33
C PRO A 216 23.85 -28.32 10.74
N SER A 217 24.85 -27.49 10.92
CA SER A 217 25.04 -26.99 12.26
C SER A 217 23.99 -25.97 12.45
N LEU A 218 23.74 -25.59 13.68
CA LEU A 218 22.72 -24.59 13.88
C LEU A 218 23.06 -23.31 13.14
N GLU A 219 24.34 -23.00 13.06
CA GLU A 219 24.81 -21.82 12.37
C GLU A 219 24.69 -21.95 10.86
N ASP A 220 24.59 -23.16 10.33
CA ASP A 220 24.38 -23.30 8.90
C ASP A 220 22.91 -23.16 8.60
N LEU A 221 22.08 -23.59 9.54
CA LEU A 221 20.66 -23.47 9.32
C LEU A 221 20.34 -22.04 9.12
N ASN A 222 21.05 -21.20 9.83
CA ASN A 222 20.78 -19.81 9.78
C ASN A 222 20.91 -19.22 8.42
N LEU A 223 21.58 -19.90 7.52
CA LEU A 223 21.69 -19.35 6.20
C LEU A 223 20.37 -19.37 5.51
N ILE A 224 19.57 -20.40 5.75
CA ILE A 224 18.27 -20.44 5.09
C ILE A 224 17.44 -19.40 5.71
N ILE A 225 17.60 -19.22 7.00
CA ILE A 225 16.80 -18.26 7.68
C ILE A 225 17.14 -16.90 7.19
N ALA A 226 18.43 -16.63 7.06
CA ALA A 226 18.82 -15.34 6.57
C ALA A 226 18.30 -15.15 5.17
N GLN A 227 18.33 -16.18 4.34
CA GLN A 227 17.84 -15.96 3.01
C GLN A 227 16.40 -15.50 3.05
N VAL A 228 15.59 -16.12 3.90
CA VAL A 228 14.19 -15.70 4.00
C VAL A 228 14.10 -14.31 4.52
N LEU A 229 14.82 -14.03 5.57
CA LEU A 229 14.68 -12.73 6.21
C LEU A 229 15.07 -11.63 5.28
N THR A 230 16.14 -11.79 4.53
CA THR A 230 16.54 -10.72 3.63
C THR A 230 15.58 -10.56 2.49
N ASN A 231 15.07 -11.66 1.93
CA ASN A 231 14.21 -11.51 0.77
C ASN A 231 12.82 -11.01 1.13
N VAL A 232 12.34 -11.30 2.33
CA VAL A 232 11.08 -10.75 2.77
C VAL A 232 11.25 -9.28 3.05
N THR A 233 12.31 -8.95 3.76
CA THR A 233 12.53 -7.58 4.17
C THR A 233 12.75 -6.72 2.97
N ALA A 234 13.38 -7.28 1.94
CA ALA A 234 13.73 -6.54 0.74
C ALA A 234 12.53 -5.91 0.03
N SER A 235 11.31 -6.38 0.29
CA SER A 235 10.15 -5.78 -0.37
C SER A 235 10.03 -4.33 -0.02
N LEU A 236 10.65 -3.92 1.04
CA LEU A 236 10.58 -2.56 1.47
C LEU A 236 11.83 -1.78 1.13
N ARG A 237 12.82 -2.35 0.47
CA ARG A 237 14.01 -1.56 0.18
C ARG A 237 14.28 -1.38 -1.31
N PHE A 238 13.90 -2.32 -2.15
CA PHE A 238 14.08 -2.17 -3.59
C PHE A 238 12.72 -2.02 -4.17
N SER A 239 12.32 -0.76 -4.34
CA SER A 239 10.97 -0.35 -4.68
C SER A 239 10.45 -1.03 -5.92
N GLY A 240 9.19 -1.47 -5.84
CA GLY A 240 8.56 -2.15 -6.93
C GLY A 240 7.27 -1.52 -7.40
N THR A 241 6.39 -2.39 -7.89
CA THR A 241 5.11 -2.06 -8.50
C THR A 241 4.02 -1.66 -7.52
N LEU A 242 4.09 -2.04 -6.25
CA LEU A 242 3.09 -1.62 -5.28
C LEU A 242 3.75 -0.70 -4.26
N ASN A 243 3.05 0.29 -3.77
CA ASN A 243 3.67 1.18 -2.80
C ASN A 243 3.54 0.63 -1.39
N LEU A 244 4.50 -0.18 -0.98
CA LEU A 244 4.42 -0.87 0.30
C LEU A 244 5.28 -0.22 1.36
N ASP A 245 4.93 -0.52 2.60
CA ASP A 245 5.58 -0.08 3.82
C ASP A 245 5.40 -1.21 4.82
N LEU A 246 5.95 -1.07 6.00
CA LEU A 246 5.78 -2.15 6.96
C LEU A 246 4.38 -2.15 7.49
N GLY A 247 3.85 -0.97 7.75
CA GLY A 247 2.49 -0.90 8.25
C GLY A 247 1.51 -1.45 7.23
N LYS A 248 1.78 -1.19 5.97
CA LYS A 248 0.88 -1.68 4.95
C LYS A 248 0.91 -3.19 4.87
N LEU A 249 2.07 -3.80 5.02
CA LEU A 249 2.12 -5.26 4.98
C LEU A 249 1.26 -5.82 6.10
N VAL A 250 1.32 -5.20 7.26
CA VAL A 250 0.52 -5.65 8.37
C VAL A 250 -0.95 -5.58 8.05
N THR A 251 -1.41 -4.47 7.48
CA THR A 251 -2.83 -4.35 7.15
C THR A 251 -3.22 -5.42 6.16
N ASN A 252 -2.41 -5.64 5.15
CA ASN A 252 -2.83 -6.54 4.10
C ASN A 252 -2.80 -8.01 4.49
N LEU A 253 -1.87 -8.44 5.33
CA LEU A 253 -1.84 -9.85 5.64
C LEU A 253 -2.59 -10.29 6.90
N VAL A 254 -3.10 -9.40 7.73
CA VAL A 254 -3.81 -9.87 8.92
C VAL A 254 -5.20 -9.25 9.13
N PRO A 255 -6.26 -9.96 8.78
CA PRO A 255 -7.62 -9.46 8.94
C PRO A 255 -8.18 -9.47 10.34
N PHE A 256 -7.61 -10.17 11.28
CA PHE A 256 -8.19 -10.15 12.60
C PHE A 256 -7.11 -9.99 13.65
N SER A 257 -7.48 -9.37 14.75
CA SER A 257 -6.56 -9.36 15.85
C SER A 257 -6.33 -10.78 16.26
N ASN A 258 -5.11 -11.09 16.63
CA ASN A 258 -4.68 -12.38 17.08
C ASN A 258 -4.57 -13.45 16.03
N LEU A 259 -4.82 -13.18 14.76
CA LEU A 259 -4.58 -14.22 13.78
C LEU A 259 -3.50 -13.74 12.85
N HIS A 260 -2.44 -13.29 13.45
CA HIS A 260 -1.36 -12.59 12.82
C HIS A 260 -0.13 -13.43 12.63
N PHE A 261 -0.24 -14.72 12.84
CA PHE A 261 0.91 -15.58 12.66
C PHE A 261 1.03 -15.97 11.22
N LEU A 262 2.19 -15.68 10.64
CA LEU A 262 2.38 -15.87 9.23
C LEU A 262 3.36 -16.98 8.89
N MET A 263 3.12 -17.59 7.76
CA MET A 263 4.02 -18.55 7.17
C MET A 263 4.90 -17.82 6.19
N ALA A 264 6.07 -18.38 5.93
CA ALA A 264 6.94 -17.83 4.91
C ALA A 264 7.59 -18.94 4.09
N SER A 265 7.81 -18.63 2.81
CA SER A 265 8.46 -19.53 1.87
C SER A 265 9.24 -18.80 0.79
N THR A 266 10.43 -19.30 0.45
CA THR A 266 11.21 -18.69 -0.62
C THR A 266 11.78 -19.69 -1.60
N ALA A 267 12.13 -19.17 -2.77
CA ALA A 267 12.80 -19.93 -3.80
C ALA A 267 13.64 -18.98 -4.64
N PRO A 268 14.66 -19.48 -5.28
CA PRO A 268 15.24 -20.77 -5.25
C PRO A 268 15.93 -20.78 -3.96
N LEU A 269 16.16 -21.93 -3.36
CA LEU A 269 16.99 -21.89 -2.20
C LEU A 269 18.39 -21.84 -2.71
N VAL A 270 19.25 -21.14 -2.03
CA VAL A 270 20.61 -21.06 -2.50
C VAL A 270 21.44 -22.03 -1.71
N LEU A 271 22.09 -22.91 -2.40
CA LEU A 271 22.94 -23.85 -1.71
C LEU A 271 24.08 -23.05 -1.11
N ALA A 272 24.46 -23.40 0.11
CA ALA A 272 25.50 -22.64 0.81
C ALA A 272 26.80 -22.61 0.01
N GLY A 273 27.10 -23.68 -0.70
CA GLY A 273 28.31 -23.76 -1.48
C GLY A 273 28.19 -23.22 -2.88
N LYS A 274 27.04 -22.63 -3.22
CA LYS A 274 26.81 -22.10 -4.56
C LYS A 274 27.12 -23.16 -5.61
N GLU A 275 26.67 -24.39 -5.34
CA GLU A 275 27.02 -25.54 -6.17
C GLU A 275 26.22 -25.64 -7.47
N SER A 276 25.01 -25.11 -7.52
CA SER A 276 24.22 -25.27 -8.73
C SER A 276 23.20 -24.17 -8.86
N TYR A 277 22.69 -24.02 -10.08
CA TYR A 277 21.68 -23.04 -10.41
C TYR A 277 20.58 -23.70 -11.25
N GLU A 278 19.35 -23.22 -11.07
CA GLU A 278 18.19 -23.70 -11.79
C GLU A 278 17.75 -22.69 -12.84
N LYS A 279 17.03 -23.15 -13.86
CA LYS A 279 16.46 -22.20 -14.79
C LYS A 279 15.44 -21.38 -14.03
N MET A 280 15.53 -20.07 -14.13
CA MET A 280 14.67 -19.21 -13.32
C MET A 280 13.34 -18.93 -14.00
N THR A 281 12.48 -19.94 -13.96
CA THR A 281 11.15 -19.93 -14.58
C THR A 281 10.10 -19.59 -13.54
N ALA A 282 9.26 -18.60 -13.81
CA ALA A 282 8.27 -18.22 -12.79
C ALA A 282 7.44 -19.39 -12.39
N LYS A 283 7.11 -20.24 -13.34
CA LYS A 283 6.29 -21.38 -13.03
C LYS A 283 7.00 -22.32 -12.08
N GLU A 284 8.29 -22.51 -12.30
CA GLU A 284 9.05 -23.40 -11.46
C GLU A 284 9.19 -22.81 -10.09
N LEU A 285 9.41 -21.53 -10.05
CA LEU A 285 9.63 -20.93 -8.79
C LEU A 285 8.37 -20.95 -7.96
N SER A 286 7.22 -20.71 -8.58
CA SER A 286 6.00 -20.75 -7.80
C SER A 286 5.72 -22.15 -7.31
N ALA A 287 6.02 -23.15 -8.14
CA ALA A 287 5.80 -24.54 -7.74
C ALA A 287 6.56 -24.86 -6.49
N GLN A 288 7.75 -24.33 -6.37
CA GLN A 288 8.46 -24.57 -5.14
C GLN A 288 7.89 -23.74 -4.01
N VAL A 289 7.59 -22.49 -4.26
CA VAL A 289 7.22 -21.61 -3.16
C VAL A 289 5.96 -22.06 -2.46
N PHE A 290 4.97 -22.50 -3.22
CA PHE A 290 3.71 -22.92 -2.63
C PHE A 290 3.65 -24.40 -2.38
N GLY A 291 4.75 -25.08 -2.46
CA GLY A 291 4.76 -26.47 -2.10
C GLY A 291 4.93 -26.61 -0.61
N ASP A 292 4.50 -27.73 -0.09
CA ASP A 292 4.62 -27.99 1.33
C ASP A 292 6.06 -28.19 1.69
N GLU A 293 6.79 -28.70 0.73
CA GLU A 293 8.18 -29.03 0.91
C GLU A 293 9.04 -27.84 1.22
N TYR A 294 8.59 -26.62 0.99
CA TYR A 294 9.45 -25.49 1.26
C TYR A 294 8.94 -24.58 2.36
N ILE A 295 7.98 -24.99 3.13
CA ILE A 295 7.36 -24.07 4.09
C ILE A 295 8.08 -24.12 5.43
N CYS A 296 8.42 -22.95 5.98
CA CYS A 296 9.14 -22.82 7.25
C CYS A 296 8.35 -23.27 8.49
N ALA A 297 7.06 -23.52 8.34
CA ALA A 297 6.20 -23.95 9.44
C ALA A 297 5.99 -25.47 9.53
N ALA A 298 6.40 -26.26 8.53
CA ALA A 298 6.12 -27.71 8.51
C ALA A 298 4.65 -28.00 8.74
N CYS A 299 3.81 -27.24 8.06
CA CYS A 299 2.39 -27.33 8.26
C CYS A 299 1.59 -27.86 7.08
N LYS A 300 2.17 -27.99 5.92
CA LYS A 300 1.46 -28.44 4.74
C LYS A 300 0.27 -27.56 4.35
N PRO A 301 0.50 -26.28 4.01
CA PRO A 301 -0.56 -25.30 3.72
C PRO A 301 -1.35 -25.64 2.53
N THR A 302 -0.88 -26.60 1.79
CA THR A 302 -1.51 -27.10 0.62
C THR A 302 -2.80 -27.78 0.91
N THR A 303 -3.06 -28.09 2.15
CA THR A 303 -4.31 -28.67 2.55
C THR A 303 -5.21 -27.69 3.25
N GLY A 304 -4.76 -26.45 3.43
CA GLY A 304 -5.47 -25.45 4.23
C GLY A 304 -6.17 -24.41 3.39
N ARG A 305 -6.40 -23.26 3.99
CA ARG A 305 -7.07 -22.15 3.33
C ARG A 305 -6.36 -20.84 3.66
N TYR A 306 -6.20 -19.96 2.67
CA TYR A 306 -5.45 -18.74 2.92
C TYR A 306 -6.34 -17.60 3.35
N LEU A 307 -6.04 -17.09 4.50
CA LEU A 307 -6.75 -15.97 5.05
C LEU A 307 -6.32 -14.71 4.34
N ALA A 308 -5.04 -14.62 3.99
CA ALA A 308 -4.46 -13.52 3.23
C ALA A 308 -3.13 -13.97 2.66
N ALA A 309 -2.71 -13.42 1.54
CA ALA A 309 -1.39 -13.81 1.06
C ALA A 309 -0.80 -12.81 0.08
N SER A 310 0.52 -12.84 -0.07
CA SER A 310 1.17 -12.01 -1.07
C SER A 310 2.47 -12.62 -1.61
N VAL A 311 2.79 -12.29 -2.84
CA VAL A 311 3.99 -12.82 -3.48
C VAL A 311 4.83 -11.72 -4.11
N LEU A 312 6.11 -11.71 -3.80
CA LEU A 312 7.05 -10.80 -4.42
C LEU A 312 8.02 -11.51 -5.33
N PHE A 313 8.18 -10.99 -6.52
CA PHE A 313 9.23 -11.46 -7.41
C PHE A 313 10.35 -10.42 -7.47
N ARG A 314 11.55 -10.83 -7.09
CA ARG A 314 12.73 -9.96 -7.11
C ARG A 314 13.59 -10.23 -8.34
N GLY A 315 13.66 -9.28 -9.25
CA GLY A 315 14.38 -9.45 -10.49
C GLY A 315 13.44 -9.32 -11.67
N ALA A 316 13.98 -9.41 -12.86
CA ALA A 316 13.13 -9.17 -14.02
C ALA A 316 12.42 -10.43 -14.46
N VAL A 317 11.12 -10.41 -14.30
CA VAL A 317 10.27 -11.52 -14.70
C VAL A 317 9.17 -10.93 -15.55
N LYS A 318 8.76 -11.65 -16.60
CA LYS A 318 7.71 -11.12 -17.45
C LYS A 318 6.33 -11.31 -16.84
N THR A 319 5.46 -10.30 -17.02
CA THR A 319 4.10 -10.40 -16.49
C THR A 319 3.40 -11.59 -17.06
N SER A 320 3.65 -11.86 -18.32
CA SER A 320 3.02 -12.95 -18.99
C SER A 320 3.38 -14.30 -18.41
N ASP A 321 4.54 -14.45 -17.77
CA ASP A 321 4.81 -15.75 -17.17
C ASP A 321 4.22 -15.81 -15.78
N VAL A 322 4.23 -14.68 -15.08
CA VAL A 322 3.71 -14.67 -13.74
C VAL A 322 2.27 -15.02 -13.76
N ASN A 323 1.53 -14.46 -14.69
CA ASN A 323 0.12 -14.73 -14.68
C ASN A 323 -0.20 -16.20 -14.83
N GLU A 324 0.57 -16.95 -15.61
CA GLU A 324 0.19 -18.35 -15.72
C GLU A 324 0.60 -19.10 -14.47
N ALA A 325 1.73 -18.70 -13.89
CA ALA A 325 2.14 -19.36 -12.66
C ALA A 325 1.10 -19.16 -11.57
N MET A 326 0.56 -17.96 -11.49
CA MET A 326 -0.42 -17.64 -10.48
C MET A 326 -1.71 -18.34 -10.73
N ALA A 327 -2.10 -18.46 -11.99
CA ALA A 327 -3.35 -19.15 -12.24
C ALA A 327 -3.25 -20.54 -11.69
N THR A 328 -2.10 -21.17 -11.85
CA THR A 328 -1.95 -22.52 -11.33
C THR A 328 -2.11 -22.52 -9.82
N VAL A 329 -1.52 -21.53 -9.15
CA VAL A 329 -1.62 -21.49 -7.68
C VAL A 329 -3.06 -21.29 -7.21
N LYS A 330 -3.79 -20.35 -7.80
CA LYS A 330 -5.15 -20.09 -7.34
C LYS A 330 -6.03 -21.29 -7.54
N GLU A 331 -5.71 -22.12 -8.52
CA GLU A 331 -6.50 -23.32 -8.73
C GLU A 331 -6.26 -24.36 -7.65
N GLN A 332 -5.21 -24.23 -6.86
CA GLN A 332 -4.92 -25.21 -5.83
C GLN A 332 -5.23 -24.71 -4.43
N ASN A 333 -5.00 -23.45 -4.15
CA ASN A 333 -5.18 -22.96 -2.81
C ASN A 333 -6.22 -21.84 -2.74
N SER A 334 -7.38 -22.16 -2.18
CA SER A 334 -8.43 -21.16 -2.13
C SER A 334 -8.22 -20.24 -0.96
N PHE A 335 -9.01 -19.18 -0.91
CA PHE A 335 -8.96 -18.20 0.16
C PHE A 335 -10.19 -18.15 1.05
N VAL A 336 -9.93 -17.81 2.29
CA VAL A 336 -10.93 -17.77 3.33
C VAL A 336 -11.85 -16.61 3.09
N ASN A 337 -13.15 -16.89 3.20
CA ASN A 337 -14.22 -15.93 3.03
C ASN A 337 -14.21 -15.33 1.64
N TRP A 338 -13.47 -15.96 0.76
CA TRP A 338 -13.43 -15.54 -0.60
C TRP A 338 -13.11 -14.08 -0.69
N ILE A 339 -12.29 -13.55 0.21
CA ILE A 339 -12.08 -12.12 0.06
C ILE A 339 -11.33 -11.91 -1.25
N PRO A 340 -11.94 -11.25 -2.22
CA PRO A 340 -11.41 -11.14 -3.58
C PRO A 340 -10.21 -10.26 -3.66
N THR A 341 -9.98 -9.50 -2.62
CA THR A 341 -8.91 -8.57 -2.57
C THR A 341 -7.75 -9.07 -1.78
N GLY A 342 -7.84 -10.28 -1.25
CA GLY A 342 -6.86 -10.78 -0.29
C GLY A 342 -5.53 -11.29 -0.84
N PHE A 343 -5.34 -11.36 -2.15
CA PHE A 343 -4.10 -11.89 -2.71
C PHE A 343 -3.35 -10.87 -3.55
N LYS A 344 -2.17 -10.46 -3.10
CA LYS A 344 -1.45 -9.43 -3.84
C LYS A 344 -0.11 -9.89 -4.40
N ILE A 345 0.26 -9.35 -5.56
CA ILE A 345 1.51 -9.65 -6.21
C ILE A 345 2.26 -8.36 -6.44
N SER A 346 3.53 -8.37 -6.15
CA SER A 346 4.35 -7.21 -6.38
C SER A 346 5.64 -7.63 -7.04
N LYS A 347 6.24 -6.72 -7.80
CA LYS A 347 7.50 -6.99 -8.46
C LYS A 347 8.46 -5.83 -8.30
N SER A 348 9.74 -6.12 -8.23
CA SER A 348 10.73 -5.06 -8.35
C SER A 348 11.93 -5.67 -9.04
N GLU A 349 12.68 -4.85 -9.79
CA GLU A 349 13.75 -5.34 -10.64
C GLU A 349 15.03 -5.71 -9.92
N THR A 350 15.20 -5.38 -8.68
CA THR A 350 16.50 -5.68 -8.11
C THR A 350 16.54 -7.15 -7.74
N SER A 351 17.29 -7.90 -8.55
CA SER A 351 17.49 -9.31 -8.35
C SER A 351 18.36 -9.53 -7.11
N PRO A 352 18.22 -10.67 -6.45
CA PRO A 352 19.08 -11.04 -5.33
C PRO A 352 20.41 -11.50 -5.84
N LYS A 353 21.41 -11.39 -5.00
CA LYS A 353 22.63 -12.01 -5.45
C LYS A 353 22.39 -13.51 -5.49
N ASP A 354 23.08 -14.15 -6.40
CA ASP A 354 23.05 -15.59 -6.65
C ASP A 354 21.86 -16.13 -7.44
N SER A 355 20.94 -15.31 -7.93
CA SER A 355 19.93 -15.90 -8.81
C SER A 355 19.27 -14.84 -9.67
N ALA A 356 18.61 -15.25 -10.76
CA ALA A 356 17.93 -14.25 -11.56
C ALA A 356 16.68 -13.73 -10.89
N LEU A 357 15.98 -14.58 -10.17
CA LEU A 357 14.73 -14.21 -9.58
C LEU A 357 14.60 -14.77 -8.21
N GLY A 358 14.24 -13.94 -7.25
CA GLY A 358 13.92 -14.45 -5.96
C GLY A 358 12.40 -14.48 -5.88
N VAL A 359 11.84 -15.52 -5.29
CA VAL A 359 10.40 -15.50 -5.14
C VAL A 359 10.06 -15.67 -3.69
N ILE A 360 9.31 -14.76 -3.15
CA ILE A 360 9.00 -14.76 -1.73
C ILE A 360 7.53 -14.79 -1.50
N MET A 361 7.08 -15.71 -0.68
CA MET A 361 5.67 -15.72 -0.35
C MET A 361 5.45 -15.66 1.14
N LEU A 362 4.50 -14.85 1.49
CA LEU A 362 4.06 -14.70 2.83
C LEU A 362 2.63 -15.06 2.82
N GLY A 363 2.16 -15.60 3.92
CA GLY A 363 0.74 -15.81 3.97
C GLY A 363 0.22 -16.18 5.32
N ASN A 364 -1.03 -15.98 5.46
CA ASN A 364 -1.74 -16.24 6.66
C ASN A 364 -2.62 -17.42 6.30
N ASN A 365 -2.28 -18.58 6.81
CA ASN A 365 -2.95 -19.78 6.41
C ASN A 365 -3.31 -20.60 7.63
N SER A 366 -4.47 -21.21 7.56
CA SER A 366 -5.05 -21.92 8.68
C SER A 366 -4.29 -23.15 9.13
N GLU A 367 -3.39 -23.70 8.33
CA GLU A 367 -2.69 -24.87 8.83
C GLU A 367 -1.62 -24.48 9.79
N ILE A 368 -1.43 -23.18 9.98
CA ILE A 368 -0.42 -22.72 10.89
C ILE A 368 -0.76 -23.13 12.27
N VAL A 369 -2.00 -23.51 12.50
CA VAL A 369 -2.36 -23.91 13.84
C VAL A 369 -1.55 -25.09 14.28
N SER A 370 -1.10 -25.95 13.37
CA SER A 370 -0.39 -27.11 13.84
C SER A 370 0.88 -26.72 14.61
N VAL A 371 1.39 -25.51 14.39
CA VAL A 371 2.56 -25.05 15.11
C VAL A 371 2.22 -24.85 16.55
N PHE A 372 1.08 -24.25 16.76
CA PHE A 372 0.72 -23.90 18.10
C PHE A 372 0.15 -25.09 18.80
N GLU A 373 -0.42 -25.99 18.04
CA GLU A 373 -0.94 -27.18 18.64
C GLU A 373 0.20 -28.01 19.17
N ARG A 374 1.32 -28.06 18.44
CA ARG A 374 2.47 -28.82 18.93
C ARG A 374 2.97 -28.22 20.22
N ILE A 375 3.02 -26.90 20.30
CA ILE A 375 3.46 -26.29 21.54
C ILE A 375 2.54 -26.64 22.66
N GLY A 376 1.26 -26.53 22.41
CA GLY A 376 0.31 -26.81 23.45
C GLY A 376 0.48 -28.23 23.93
N ALA A 377 0.65 -29.16 23.01
CA ALA A 377 0.74 -30.55 23.43
C ALA A 377 1.91 -30.76 24.36
N ASN A 378 3.04 -30.16 24.02
CA ASN A 378 4.18 -30.36 24.88
C ASN A 378 3.89 -29.79 26.23
N PHE A 379 3.26 -28.62 26.24
CA PHE A 379 2.96 -27.96 27.49
C PHE A 379 2.06 -28.80 28.34
N ASP A 380 1.02 -29.34 27.74
CA ASP A 380 0.05 -30.11 28.51
C ASP A 380 0.72 -31.32 29.14
N ARG A 381 1.55 -32.00 28.36
CA ARG A 381 2.19 -33.19 28.90
C ARG A 381 3.06 -32.85 30.09
N LEU A 382 3.66 -31.69 30.10
CA LEU A 382 4.50 -31.27 31.20
C LEU A 382 3.77 -30.47 32.25
N TRP A 383 2.47 -30.25 32.09
CA TRP A 383 1.76 -29.38 33.02
C TRP A 383 0.47 -29.92 33.59
N SER A 384 -0.39 -30.40 32.71
CA SER A 384 -1.66 -30.91 33.17
C SER A 384 -1.45 -32.27 33.73
N ARG A 385 -0.44 -32.95 33.21
CA ARG A 385 -0.11 -34.27 33.72
C ARG A 385 0.51 -34.14 35.08
N LYS A 386 1.33 -33.12 35.24
CA LYS A 386 2.06 -32.89 36.47
C LYS A 386 2.67 -31.53 36.38
N ALA A 387 2.95 -30.94 37.52
CA ALA A 387 3.63 -29.66 37.49
C ALA A 387 5.13 -29.88 37.32
N PHE A 388 5.53 -30.13 36.08
CA PHE A 388 6.92 -30.41 35.76
C PHE A 388 7.81 -29.22 36.03
N ALA A 389 7.36 -28.04 35.69
CA ALA A 389 8.23 -26.88 35.75
C ALA A 389 8.88 -26.81 37.10
N HIS A 390 10.17 -26.56 37.08
CA HIS A 390 11.02 -26.64 38.25
C HIS A 390 10.82 -25.49 39.21
N TRP A 391 9.66 -25.44 39.84
CA TRP A 391 9.38 -24.48 40.87
C TRP A 391 9.59 -23.07 40.40
N PHE A 392 9.08 -22.77 39.23
CA PHE A 392 9.26 -21.43 38.72
C PHE A 392 8.25 -20.54 39.40
N THR A 393 8.49 -20.26 40.67
CA THR A 393 7.56 -19.50 41.48
C THR A 393 8.14 -18.25 42.14
N ASP A 394 9.45 -18.16 42.34
CA ASP A 394 10.00 -17.06 43.13
C ASP A 394 9.93 -15.76 42.38
N SER A 395 10.22 -15.83 41.10
CA SER A 395 10.18 -14.77 40.13
C SER A 395 9.52 -15.41 38.96
N GLY A 396 8.53 -16.21 39.30
CA GLY A 396 7.94 -17.09 38.35
C GLY A 396 6.49 -16.81 38.14
N PHE A 397 5.77 -17.87 37.91
CA PHE A 397 4.39 -17.77 37.52
C PHE A 397 3.51 -18.60 38.42
N GLU A 398 2.32 -18.10 38.64
CA GLU A 398 1.35 -18.90 39.35
C GLU A 398 0.74 -19.83 38.36
N GLU A 399 0.14 -20.88 38.85
CA GLU A 399 -0.47 -21.79 37.92
C GLU A 399 -1.41 -21.03 37.01
N LYS A 400 -2.12 -20.06 37.55
CA LYS A 400 -3.07 -19.34 36.76
C LYS A 400 -2.43 -18.62 35.60
N ASP A 401 -1.16 -18.28 35.71
CA ASP A 401 -0.53 -17.51 34.66
C ASP A 401 -0.10 -18.42 33.57
N LEU A 402 0.23 -19.61 33.98
CA LEU A 402 0.61 -20.59 33.02
C LEU A 402 -0.63 -21.04 32.31
N ASP A 403 -1.73 -21.07 33.04
CA ASP A 403 -3.00 -21.46 32.47
C ASP A 403 -3.52 -20.37 31.57
N ASP A 404 -3.25 -19.12 31.93
CA ASP A 404 -3.66 -18.02 31.08
C ASP A 404 -2.99 -18.13 29.75
N ALA A 405 -1.70 -18.39 29.76
CA ALA A 405 -1.03 -18.50 28.49
C ALA A 405 -1.64 -19.62 27.69
N ARG A 406 -1.91 -20.74 28.33
CA ARG A 406 -2.43 -21.84 27.57
C ARG A 406 -3.76 -21.48 27.01
N ALA A 407 -4.55 -20.75 27.79
CA ALA A 407 -5.87 -20.38 27.36
C ALA A 407 -5.80 -19.45 26.18
N LEU A 408 -4.87 -18.52 26.18
CA LEU A 408 -4.80 -17.61 25.06
C LEU A 408 -4.40 -18.36 23.83
N VAL A 409 -3.50 -19.27 23.99
CA VAL A 409 -3.08 -20.05 22.84
C VAL A 409 -4.24 -20.90 22.35
N GLN A 410 -5.01 -21.48 23.24
CA GLN A 410 -6.10 -22.27 22.72
C GLN A 410 -7.06 -21.39 21.98
N LYS A 411 -7.28 -20.18 22.46
CA LYS A 411 -8.17 -19.31 21.73
C LYS A 411 -7.68 -19.07 20.33
N VAL A 412 -6.39 -18.79 20.14
CA VAL A 412 -5.98 -18.50 18.79
C VAL A 412 -6.15 -19.72 17.91
N ILE A 413 -5.89 -20.89 18.47
CA ILE A 413 -6.08 -22.10 17.69
C ILE A 413 -7.53 -22.26 17.28
N ASP A 414 -8.43 -22.05 18.23
CA ASP A 414 -9.86 -22.18 17.98
C ASP A 414 -10.34 -21.18 16.94
N ASP A 415 -9.82 -19.94 16.99
CA ASP A 415 -10.28 -18.94 16.02
C ASP A 415 -9.86 -19.31 14.62
N TYR A 416 -8.64 -19.81 14.43
CA TYR A 416 -8.33 -20.20 13.05
C TYR A 416 -9.22 -21.32 12.64
N ARG A 417 -9.47 -22.25 13.55
CA ARG A 417 -10.32 -23.37 13.19
C ARG A 417 -11.75 -22.92 12.85
N LYS A 418 -12.27 -21.93 13.57
CA LYS A 418 -13.62 -21.44 13.31
C LYS A 418 -13.70 -20.67 12.01
N LEU A 419 -12.71 -19.86 11.69
CA LEU A 419 -12.83 -19.15 10.43
C LEU A 419 -12.83 -20.11 9.26
N THR A 420 -12.02 -21.15 9.30
CA THR A 420 -11.95 -22.05 8.16
C THR A 420 -12.61 -23.39 8.42
N GLU A 421 -13.94 -23.40 8.44
CA GLU A 421 -14.70 -24.64 8.55
C GLU A 421 -15.15 -25.11 7.19
N ASP A 422 -14.70 -24.40 6.16
CA ASP A 422 -15.00 -24.68 4.77
C ASP A 422 -16.49 -24.79 4.46
N ALA A 423 -17.25 -23.82 4.96
CA ALA A 423 -18.69 -23.68 4.79
C ALA A 423 -19.01 -22.19 4.76
N GLY B 2 -12.62 36.89 -11.49
CA GLY B 2 -11.37 36.18 -11.28
C GLY B 2 -11.28 34.90 -12.09
N ARG B 3 -12.28 34.04 -11.96
CA ARG B 3 -12.39 32.72 -12.62
C ARG B 3 -11.28 31.80 -12.20
N GLU B 4 -10.84 31.91 -10.98
CA GLU B 4 -9.69 31.15 -10.59
C GLU B 4 -10.06 29.77 -10.07
N VAL B 5 -9.21 28.80 -10.36
CA VAL B 5 -9.43 27.44 -9.89
C VAL B 5 -8.21 26.96 -9.11
N ILE B 6 -8.42 26.40 -7.93
CA ILE B 6 -7.31 25.90 -7.14
C ILE B 6 -7.34 24.41 -7.12
N MET B 7 -6.24 23.79 -7.45
CA MET B 7 -6.19 22.35 -7.38
C MET B 7 -5.61 21.84 -6.06
N LEU B 8 -6.17 20.75 -5.58
CA LEU B 8 -5.67 20.13 -4.38
C LEU B 8 -5.29 18.72 -4.75
N HIS B 9 -4.03 18.41 -4.71
CA HIS B 9 -3.61 17.08 -5.08
C HIS B 9 -3.33 16.30 -3.81
N VAL B 10 -4.09 15.21 -3.57
CA VAL B 10 -4.00 14.54 -2.29
C VAL B 10 -3.60 13.09 -2.44
N GLY B 11 -2.53 12.72 -1.74
CA GLY B 11 -2.04 11.35 -1.69
C GLY B 11 -1.16 11.03 -2.88
N GLN B 12 -0.62 9.83 -2.93
CA GLN B 12 0.31 9.51 -4.00
C GLN B 12 -0.35 9.54 -5.36
N ALA B 13 -1.51 8.95 -5.52
CA ALA B 13 -2.08 8.98 -6.86
C ALA B 13 -2.39 10.40 -7.25
N GLY B 14 -2.88 11.16 -6.27
CA GLY B 14 -3.27 12.55 -6.53
C GLY B 14 -2.11 13.41 -6.95
N ILE B 15 -1.03 13.37 -6.19
CA ILE B 15 0.09 14.21 -6.48
C ILE B 15 0.78 13.72 -7.71
N GLN B 16 0.90 12.42 -7.91
CA GLN B 16 1.59 11.96 -9.10
C GLN B 16 0.84 12.33 -10.38
N VAL B 17 -0.49 12.18 -10.38
CA VAL B 17 -1.23 12.55 -11.57
C VAL B 17 -1.16 14.04 -11.78
N GLY B 18 -1.29 14.80 -10.68
CA GLY B 18 -1.20 16.24 -10.79
C GLY B 18 0.14 16.66 -11.34
N ALA B 19 1.21 16.03 -10.89
CA ALA B 19 2.50 16.40 -11.41
C ALA B 19 2.50 16.27 -12.91
N MET B 20 1.95 15.19 -13.41
CA MET B 20 1.88 15.08 -14.87
C MET B 20 0.97 16.14 -15.50
N TYR B 21 -0.17 16.42 -14.86
CA TYR B 21 -1.09 17.43 -15.37
C TYR B 21 -0.39 18.73 -15.54
N TRP B 22 0.32 19.13 -14.52
CA TRP B 22 0.99 20.40 -14.55
C TRP B 22 2.07 20.42 -15.60
N LYS B 23 2.79 19.33 -15.80
CA LYS B 23 3.79 19.39 -16.86
C LYS B 23 3.12 19.69 -18.20
N GLN B 24 1.95 19.10 -18.42
CA GLN B 24 1.30 19.24 -19.72
C GLN B 24 0.59 20.59 -19.88
N ILE B 25 -0.01 21.11 -18.83
CA ILE B 25 -0.65 22.38 -18.97
C ILE B 25 0.40 23.39 -19.28
N CYS B 26 1.59 23.21 -18.71
CA CYS B 26 2.62 24.18 -18.99
C CYS B 26 2.94 24.16 -20.45
N ALA B 27 3.05 22.97 -21.01
CA ALA B 27 3.35 22.92 -22.41
C ALA B 27 2.30 23.68 -23.22
N GLU B 28 1.04 23.48 -22.87
CA GLU B 28 -0.02 24.15 -23.60
C GLU B 28 0.13 25.65 -23.57
N HIS B 29 0.55 26.19 -22.44
CA HIS B 29 0.71 27.62 -22.29
C HIS B 29 2.12 28.09 -22.60
N ASN B 30 3.00 27.24 -23.14
CA ASN B 30 4.37 27.63 -23.48
C ASN B 30 5.20 27.97 -22.25
N LEU B 31 4.93 27.31 -21.14
CA LEU B 31 5.68 27.59 -19.93
C LEU B 31 6.77 26.57 -19.72
N ASP B 32 7.84 27.04 -19.12
CA ASP B 32 8.99 26.21 -18.79
C ASP B 32 8.81 25.54 -17.44
N HIS B 33 8.99 24.23 -17.41
CA HIS B 33 8.78 23.55 -16.16
C HIS B 33 9.63 24.14 -15.06
N ASN B 34 10.73 24.77 -15.41
CA ASN B 34 11.65 25.29 -14.41
C ASN B 34 11.18 26.64 -13.86
N GLY B 35 10.13 26.57 -13.06
CA GLY B 35 9.54 27.72 -12.41
C GLY B 35 8.50 28.44 -13.24
N ALA B 36 8.13 27.88 -14.37
CA ALA B 36 7.14 28.44 -15.28
C ALA B 36 7.42 29.86 -15.77
N PRO B 37 8.63 30.17 -16.22
CA PRO B 37 8.83 31.38 -17.01
C PRO B 37 8.27 31.05 -18.37
N ILE B 38 8.00 32.05 -19.18
CA ILE B 38 7.40 31.73 -20.46
C ILE B 38 8.31 31.96 -21.65
N GLY B 39 8.27 31.02 -22.58
CA GLY B 39 9.05 31.13 -23.79
C GLY B 39 8.50 32.13 -24.78
N GLY B 40 8.44 33.39 -24.38
CA GLY B 40 7.86 34.42 -25.23
C GLY B 40 6.39 34.70 -24.90
N ASP B 41 5.56 34.76 -25.93
CA ASP B 41 4.14 35.08 -25.74
C ASP B 41 3.39 33.92 -25.10
N ILE B 42 2.27 34.22 -24.43
CA ILE B 42 1.51 33.17 -23.79
C ILE B 42 0.26 32.85 -24.56
N LYS B 43 0.02 31.58 -24.70
CA LYS B 43 -1.14 31.07 -25.37
C LYS B 43 -2.07 30.53 -24.32
N GLY B 44 -3.38 30.70 -24.53
CA GLY B 44 -4.38 30.23 -23.59
C GLY B 44 -4.57 31.26 -22.50
N ASP B 45 -5.50 31.00 -21.59
CA ASP B 45 -5.76 31.95 -20.52
C ASP B 45 -5.15 31.53 -19.20
N PRO B 46 -4.03 32.13 -18.78
CA PRO B 46 -3.35 31.77 -17.54
C PRO B 46 -4.16 32.10 -16.32
N ASP B 47 -5.17 32.93 -16.47
CA ASP B 47 -5.91 33.35 -15.30
C ASP B 47 -6.57 32.18 -14.61
N CYS B 48 -6.82 31.07 -15.29
CA CYS B 48 -7.52 30.00 -14.60
C CYS B 48 -6.61 29.27 -13.63
N PHE B 49 -5.45 28.85 -14.08
CA PHE B 49 -4.65 28.01 -13.23
C PHE B 49 -3.38 28.62 -12.68
N PHE B 50 -2.96 29.80 -13.10
CA PHE B 50 -1.67 30.29 -12.63
C PHE B 50 -1.73 31.67 -12.03
N MET B 51 -0.88 31.91 -11.06
CA MET B 51 -0.73 33.26 -10.58
C MET B 51 0.21 33.96 -11.50
N LYS B 52 -0.23 35.05 -12.04
CA LYS B 52 0.56 35.74 -13.05
C LYS B 52 1.50 36.68 -12.35
N ALA B 53 2.64 36.17 -11.97
CA ALA B 53 3.56 37.06 -11.29
C ALA B 53 3.99 38.15 -12.26
N SER B 54 4.21 39.34 -11.71
CA SER B 54 4.72 40.43 -12.50
C SER B 54 6.14 40.15 -12.95
N GLY B 55 6.77 39.20 -12.28
CA GLY B 55 8.11 38.77 -12.58
C GLY B 55 8.15 37.79 -13.71
N GLY B 56 6.98 37.47 -14.27
CA GLY B 56 6.91 36.55 -15.37
C GLY B 56 6.81 35.13 -14.93
N LYS B 57 6.71 34.92 -13.65
CA LYS B 57 6.59 33.59 -13.11
C LYS B 57 5.14 33.24 -13.06
N TYR B 58 4.76 32.19 -13.69
CA TYR B 58 3.39 31.77 -13.60
C TYR B 58 3.32 30.71 -12.53
N VAL B 59 2.73 31.00 -11.42
CA VAL B 59 2.76 30.07 -10.29
C VAL B 59 1.55 29.16 -10.39
N PRO B 60 1.73 27.87 -10.56
CA PRO B 60 0.60 26.95 -10.62
C PRO B 60 -0.09 27.07 -9.31
N ARG B 61 -1.41 27.20 -9.32
CA ARG B 61 -2.11 27.35 -8.05
C ARG B 61 -2.63 26.02 -7.62
N ALA B 62 -1.90 25.40 -6.72
CA ALA B 62 -2.22 24.08 -6.25
C ALA B 62 -1.53 23.81 -4.93
N LEU B 63 -2.08 22.88 -4.20
CA LEU B 63 -1.46 22.39 -3.00
C LEU B 63 -1.04 20.95 -3.24
N LEU B 64 0.10 20.55 -2.73
CA LEU B 64 0.45 19.14 -2.74
C LEU B 64 0.34 18.63 -1.31
N ILE B 65 -0.61 17.75 -1.04
CA ILE B 65 -0.92 17.33 0.31
C ILE B 65 -0.70 15.86 0.49
N ASP B 66 0.08 15.49 1.49
CA ASP B 66 0.24 14.08 1.79
C ASP B 66 0.60 13.85 3.25
N LEU B 67 0.29 12.66 3.74
CA LEU B 67 0.65 12.33 5.10
C LEU B 67 2.07 11.83 5.12
N GLU B 68 2.51 11.21 4.06
CA GLU B 68 3.89 10.73 3.99
C GLU B 68 4.76 11.78 3.35
N PRO B 69 5.82 12.20 3.97
CA PRO B 69 6.69 13.23 3.45
C PRO B 69 7.61 12.65 2.39
N LYS B 70 7.01 12.14 1.33
CA LYS B 70 7.79 11.52 0.27
C LYS B 70 7.45 12.06 -1.12
N VAL B 71 6.22 11.84 -1.58
CA VAL B 71 5.85 12.27 -2.92
C VAL B 71 5.94 13.76 -3.03
N VAL B 72 5.70 14.46 -1.95
CA VAL B 72 5.80 15.90 -1.97
C VAL B 72 7.23 16.34 -2.17
N ARG B 73 8.20 15.61 -1.63
CA ARG B 73 9.58 15.99 -1.80
C ARG B 73 10.07 15.56 -3.17
N GLN B 74 9.62 14.41 -3.64
CA GLN B 74 10.03 14.02 -4.97
C GLN B 74 9.54 15.01 -5.99
N VAL B 75 8.31 15.45 -5.87
CA VAL B 75 7.84 16.38 -6.88
C VAL B 75 8.44 17.76 -6.68
N GLY B 76 8.47 18.26 -5.45
CA GLY B 76 9.01 19.58 -5.21
C GLY B 76 10.47 19.73 -5.52
N ASN B 77 11.25 18.65 -5.35
CA ASN B 77 12.67 18.71 -5.61
C ASN B 77 13.15 18.06 -6.88
N GLU B 78 12.44 17.07 -7.46
CA GLU B 78 12.98 16.38 -8.62
C GLU B 78 12.13 16.47 -9.89
N GLN B 79 10.83 16.19 -9.80
CA GLN B 79 10.07 16.11 -11.05
C GLN B 79 9.64 17.46 -11.58
N LEU B 80 9.24 18.35 -10.73
CA LEU B 80 8.88 19.68 -11.18
C LEU B 80 9.59 20.63 -10.26
N PRO B 81 10.89 20.59 -10.27
CA PRO B 81 11.66 21.29 -9.27
C PRO B 81 11.37 22.74 -9.38
N SER B 82 11.17 23.35 -8.25
CA SER B 82 10.97 24.79 -8.12
C SER B 82 9.71 25.31 -8.81
N PHE B 83 8.84 24.43 -9.25
CA PHE B 83 7.63 24.82 -9.94
C PHE B 83 6.56 25.20 -8.96
N PHE B 84 6.26 24.33 -8.02
CA PHE B 84 5.23 24.58 -7.06
C PHE B 84 5.82 25.42 -5.95
N ASP B 85 5.06 26.36 -5.43
CA ASP B 85 5.50 27.23 -4.32
C ASP B 85 5.60 26.43 -3.02
N PRO B 86 6.79 26.37 -2.40
CA PRO B 86 7.06 25.55 -1.21
C PRO B 86 6.08 25.72 -0.09
N LYS B 87 5.53 26.91 0.09
CA LYS B 87 4.61 27.05 1.21
C LYS B 87 3.37 26.22 1.01
N ASN B 88 3.11 25.79 -0.19
CA ASN B 88 1.94 25.02 -0.50
C ASN B 88 2.23 23.55 -0.54
N LEU B 89 3.39 23.14 -0.13
CA LEU B 89 3.67 21.74 -0.04
C LEU B 89 3.46 21.39 1.41
N ILE B 90 2.43 20.60 1.65
CA ILE B 90 1.95 20.37 2.99
C ILE B 90 2.07 18.90 3.30
N HIS B 91 2.75 18.55 4.38
CA HIS B 91 2.80 17.13 4.64
C HIS B 91 2.89 16.77 6.11
N GLY B 92 2.50 15.53 6.36
CA GLY B 92 2.58 14.91 7.67
C GLY B 92 3.87 14.14 7.87
N LEU B 93 3.85 13.22 8.83
CA LEU B 93 5.03 12.45 9.16
C LEU B 93 4.90 10.97 8.93
N TYR B 94 3.71 10.45 9.04
CA TYR B 94 3.45 9.03 8.96
C TYR B 94 2.35 8.85 7.95
N GLY B 95 2.38 7.78 7.18
CA GLY B 95 1.28 7.52 6.28
C GLY B 95 0.29 6.61 6.94
N GLY B 96 -0.79 6.32 6.26
CA GLY B 96 -1.76 5.40 6.79
C GLY B 96 -1.47 4.05 6.20
N ALA B 97 -1.77 3.00 6.93
CA ALA B 97 -1.51 1.67 6.41
C ALA B 97 -2.70 1.21 5.59
N ASN B 98 -2.91 1.90 4.49
CA ASN B 98 -4.04 1.63 3.64
C ASN B 98 -5.33 1.70 4.41
N SER B 99 -5.45 2.62 5.35
CA SER B 99 -6.65 2.65 6.18
C SER B 99 -7.30 4.02 6.22
N PHE B 100 -8.53 4.07 5.71
CA PHE B 100 -9.29 5.30 5.69
C PHE B 100 -9.34 5.82 7.08
N ALA B 101 -9.59 4.94 8.01
CA ALA B 101 -9.74 5.44 9.35
C ALA B 101 -8.51 6.16 9.78
N LYS B 102 -7.34 5.74 9.38
CA LYS B 102 -6.22 6.48 9.89
C LYS B 102 -6.16 7.80 9.19
N GLY B 103 -6.41 7.80 7.90
CA GLY B 103 -6.33 9.03 7.14
C GLY B 103 -7.35 10.06 7.57
N TYR B 104 -8.50 9.61 8.05
CA TYR B 104 -9.60 10.48 8.43
C TYR B 104 -9.70 10.76 9.93
N LEU B 105 -9.47 9.78 10.79
CA LEU B 105 -9.62 9.93 12.23
C LEU B 105 -8.32 10.17 13.00
N GLY B 106 -7.18 9.76 12.46
CA GLY B 106 -5.94 9.81 13.19
C GLY B 106 -5.01 10.87 12.67
N GLU B 107 -4.02 10.45 11.90
CA GLU B 107 -3.12 11.43 11.36
C GLU B 107 -3.97 12.30 10.49
N GLY B 108 -3.68 13.58 10.48
CA GLY B 108 -4.44 14.49 9.69
C GLY B 108 -5.42 15.29 10.51
N ARG B 109 -5.75 14.84 11.71
CA ARG B 109 -6.69 15.64 12.48
C ARG B 109 -6.04 16.92 12.94
N ASP B 110 -4.76 16.88 13.14
CA ASP B 110 -4.05 18.08 13.52
C ASP B 110 -3.68 18.87 12.27
N MET B 111 -3.15 18.15 11.29
CA MET B 111 -2.68 18.70 10.04
C MET B 111 -3.74 19.51 9.34
N ILE B 112 -5.01 19.10 9.43
CA ILE B 112 -6.07 19.75 8.69
C ILE B 112 -6.14 21.23 9.01
N ASP B 113 -5.73 21.67 10.17
CA ASP B 113 -5.81 23.10 10.37
C ASP B 113 -4.78 23.80 9.52
N ASN B 114 -3.64 23.16 9.30
CA ASN B 114 -2.64 23.78 8.48
C ASN B 114 -3.03 23.67 7.04
N ILE B 115 -3.71 22.58 6.69
CA ILE B 115 -4.13 22.46 5.31
C ILE B 115 -5.10 23.55 4.99
N MET B 116 -6.08 23.73 5.86
CA MET B 116 -7.08 24.70 5.54
C MET B 116 -6.54 26.10 5.71
N GLU B 117 -5.61 26.30 6.62
CA GLU B 117 -5.11 27.65 6.72
C GLU B 117 -4.31 27.98 5.49
N GLN B 118 -3.53 27.03 4.99
CA GLN B 118 -2.75 27.32 3.81
C GLN B 118 -3.64 27.46 2.60
N LEU B 119 -4.74 26.70 2.54
CA LEU B 119 -5.64 26.92 1.43
C LEU B 119 -6.19 28.31 1.50
N LYS B 120 -6.58 28.75 2.69
CA LYS B 120 -7.10 30.10 2.81
C LYS B 120 -6.12 31.10 2.27
N LYS B 121 -4.86 30.93 2.60
CA LYS B 121 -3.87 31.88 2.13
C LYS B 121 -3.85 31.93 0.63
N GLU B 122 -4.04 30.78 -0.02
CA GLU B 122 -4.04 30.75 -1.48
C GLU B 122 -5.32 31.40 -2.02
N VAL B 123 -6.43 31.08 -1.40
CA VAL B 123 -7.71 31.61 -1.86
C VAL B 123 -7.70 33.11 -1.73
N ALA B 124 -7.08 33.59 -0.66
CA ALA B 124 -7.05 34.98 -0.31
C ALA B 124 -6.38 35.84 -1.35
N LYS B 125 -5.52 35.29 -2.19
CA LYS B 125 -4.86 36.13 -3.17
C LYS B 125 -5.49 35.97 -4.53
N CYS B 126 -6.58 35.23 -4.60
CA CYS B 126 -7.30 35.01 -5.82
C CYS B 126 -8.31 36.14 -5.98
N GLU B 127 -8.50 36.64 -7.19
CA GLU B 127 -9.48 37.70 -7.33
C GLU B 127 -10.87 37.21 -6.98
N SER B 128 -11.20 36.04 -7.48
CA SER B 128 -12.47 35.40 -7.17
C SER B 128 -12.43 33.97 -7.66
N LEU B 129 -12.74 33.02 -6.79
CA LEU B 129 -12.69 31.64 -7.22
C LEU B 129 -13.94 31.24 -7.95
N GLN B 130 -13.73 30.37 -8.90
CA GLN B 130 -14.82 29.72 -9.56
C GLN B 130 -15.09 28.47 -8.79
N GLY B 131 -14.01 27.85 -8.34
CA GLY B 131 -14.15 26.62 -7.58
C GLY B 131 -12.82 25.94 -7.30
N PHE B 132 -12.95 24.73 -6.76
CA PHE B 132 -11.82 23.91 -6.38
C PHE B 132 -11.86 22.61 -7.12
N ILE B 133 -10.70 22.08 -7.46
CA ILE B 133 -10.62 20.75 -8.04
C ILE B 133 -9.67 19.87 -7.25
N MET B 134 -10.17 18.78 -6.69
CA MET B 134 -9.31 17.89 -5.93
C MET B 134 -9.06 16.62 -6.71
N THR B 135 -7.86 16.10 -6.66
CA THR B 135 -7.54 14.83 -7.32
C THR B 135 -7.00 13.79 -6.34
N HIS B 136 -7.53 12.55 -6.36
CA HIS B 136 -7.03 11.50 -5.46
C HIS B 136 -7.49 10.08 -5.83
N ALA B 137 -6.84 9.07 -5.24
CA ALA B 137 -7.37 7.71 -5.35
C ALA B 137 -8.55 7.59 -4.40
N VAL B 138 -9.65 6.98 -4.86
CA VAL B 138 -10.87 6.92 -4.06
C VAL B 138 -10.66 6.13 -2.81
N GLY B 139 -10.02 4.98 -2.97
CA GLY B 139 -9.81 4.03 -1.91
C GLY B 139 -8.46 4.16 -1.27
N GLY B 140 -7.75 5.23 -1.53
CA GLY B 140 -6.46 5.36 -0.91
C GLY B 140 -6.65 5.65 0.56
N GLY B 141 -5.71 5.20 1.39
CA GLY B 141 -5.82 5.52 2.79
C GLY B 141 -5.88 7.01 3.00
N SER B 142 -4.84 7.74 2.57
CA SER B 142 -4.89 9.18 2.74
C SER B 142 -5.76 9.83 1.67
N GLY B 143 -5.87 9.17 0.54
CA GLY B 143 -6.63 9.67 -0.58
C GLY B 143 -8.07 9.88 -0.20
N GLY B 144 -8.71 8.82 0.26
CA GLY B 144 -10.05 8.97 0.75
C GLY B 144 -10.06 9.68 2.06
N GLY B 145 -9.00 9.55 2.85
CA GLY B 145 -8.94 10.10 4.18
C GLY B 145 -8.79 11.60 4.24
N LEU B 146 -7.61 12.12 3.92
CA LEU B 146 -7.49 13.56 3.94
C LEU B 146 -8.37 14.11 2.88
N GLY B 147 -8.46 13.43 1.75
CA GLY B 147 -9.31 13.95 0.71
C GLY B 147 -10.68 14.29 1.24
N CYS B 148 -11.34 13.34 1.87
CA CYS B 148 -12.66 13.63 2.34
C CYS B 148 -12.66 14.64 3.45
N LEU B 149 -11.67 14.61 4.32
CA LEU B 149 -11.65 15.55 5.43
C LEU B 149 -11.53 16.97 4.93
N ILE B 150 -10.67 17.15 3.93
CA ILE B 150 -10.47 18.44 3.33
C ILE B 150 -11.74 18.89 2.69
N MET B 151 -12.39 18.01 1.93
CA MET B 151 -13.63 18.39 1.30
C MET B 151 -14.64 18.89 2.30
N GLU B 152 -14.75 18.20 3.42
CA GLU B 152 -15.71 18.66 4.40
C GLU B 152 -15.38 20.04 4.84
N LYS B 153 -14.11 20.27 5.12
CA LYS B 153 -13.79 21.59 5.61
C LYS B 153 -13.95 22.64 4.50
N ILE B 154 -13.71 22.28 3.25
CA ILE B 154 -13.91 23.24 2.17
C ILE B 154 -15.36 23.64 2.14
N LYS B 155 -16.26 22.68 2.22
CA LYS B 155 -17.65 23.03 2.15
C LYS B 155 -18.03 23.96 3.27
N GLU B 156 -17.47 23.77 4.45
CA GLU B 156 -17.80 24.69 5.53
C GLU B 156 -17.24 26.10 5.28
N GLU B 157 -16.00 26.22 4.79
CA GLU B 157 -15.38 27.54 4.65
C GLU B 157 -15.78 28.29 3.38
N TYR B 158 -16.12 27.58 2.32
CA TYR B 158 -16.43 28.19 1.04
C TYR B 158 -17.78 27.73 0.52
N PRO B 159 -18.87 28.20 1.17
CA PRO B 159 -20.22 27.68 0.96
C PRO B 159 -20.81 27.89 -0.41
N LYS B 160 -20.29 28.82 -1.18
CA LYS B 160 -20.85 29.07 -2.49
C LYS B 160 -19.91 28.73 -3.64
N LYS B 161 -18.81 28.02 -3.37
CA LYS B 161 -17.91 27.70 -4.46
C LYS B 161 -18.19 26.30 -4.93
N ILE B 162 -17.88 26.01 -6.15
CA ILE B 162 -18.18 24.68 -6.67
C ILE B 162 -17.06 23.72 -6.37
N LEU B 163 -17.40 22.56 -5.83
CA LEU B 163 -16.40 21.57 -5.49
C LEU B 163 -16.45 20.39 -6.44
N TRP B 164 -15.39 20.25 -7.20
CA TRP B 164 -15.23 19.17 -8.14
C TRP B 164 -14.18 18.22 -7.67
N SER B 165 -14.33 16.99 -8.07
CA SER B 165 -13.25 16.07 -7.80
C SER B 165 -13.09 15.09 -8.92
N TYR B 166 -11.86 14.66 -9.09
CA TYR B 166 -11.52 13.61 -10.01
C TYR B 166 -10.90 12.54 -9.19
N SER B 167 -11.38 11.32 -9.34
CA SER B 167 -10.80 10.32 -8.48
C SER B 167 -10.72 8.96 -9.14
N ILE B 168 -9.81 8.14 -8.63
CA ILE B 168 -9.51 6.86 -9.24
C ILE B 168 -9.95 5.70 -8.39
N LEU B 169 -10.73 4.80 -8.98
CA LEU B 169 -11.19 3.62 -8.26
C LEU B 169 -10.22 2.46 -8.38
N PRO B 170 -10.17 1.67 -7.32
CA PRO B 170 -9.40 0.44 -7.28
C PRO B 170 -10.06 -0.62 -8.12
N SER B 171 -9.27 -1.60 -8.55
CA SER B 171 -9.78 -2.67 -9.39
C SER B 171 -9.26 -4.02 -8.88
N PRO B 172 -9.85 -5.12 -9.33
CA PRO B 172 -9.36 -6.47 -9.00
C PRO B 172 -7.91 -6.74 -9.33
N LEU B 173 -7.36 -6.14 -10.36
CA LEU B 173 -5.98 -6.39 -10.69
C LEU B 173 -5.05 -5.33 -10.18
N LEU B 174 -5.50 -4.10 -10.08
CA LEU B 174 -4.61 -3.06 -9.60
C LEU B 174 -5.12 -2.55 -8.27
N SER B 175 -4.33 -2.79 -7.25
CA SER B 175 -4.62 -2.36 -5.91
C SER B 175 -3.45 -2.70 -5.00
N ASP B 176 -3.11 -1.79 -4.09
CA ASP B 176 -2.05 -2.00 -3.13
C ASP B 176 -2.61 -2.40 -1.78
N ALA B 177 -3.90 -2.67 -1.71
CA ALA B 177 -4.52 -2.92 -0.43
C ALA B 177 -5.58 -3.98 -0.55
N VAL B 178 -5.84 -4.62 0.57
CA VAL B 178 -6.89 -5.61 0.58
C VAL B 178 -8.13 -5.04 1.19
N VAL B 179 -8.04 -3.84 1.76
CA VAL B 179 -9.14 -3.24 2.45
C VAL B 179 -9.73 -2.10 1.68
N GLU B 180 -9.33 -1.94 0.47
CA GLU B 180 -9.86 -0.92 -0.39
C GLU B 180 -11.32 -0.76 -0.25
N PRO B 181 -11.98 -1.78 -0.66
CA PRO B 181 -13.38 -1.65 -0.90
C PRO B 181 -14.07 -0.90 0.23
N TYR B 182 -13.49 -0.92 1.41
CA TYR B 182 -14.15 -0.18 2.45
C TYR B 182 -13.67 1.22 2.45
N ASN B 183 -12.39 1.43 2.17
CA ASN B 183 -11.98 2.80 2.12
C ASN B 183 -12.79 3.50 1.07
N ALA B 184 -13.09 2.76 -0.01
CA ALA B 184 -13.88 3.28 -1.13
C ALA B 184 -15.31 3.59 -0.74
N ILE B 185 -16.01 2.75 0.01
CA ILE B 185 -17.35 3.22 0.25
C ILE B 185 -17.37 4.36 1.22
N LEU B 186 -16.45 4.42 2.16
CA LEU B 186 -16.46 5.59 3.01
C LEU B 186 -16.19 6.83 2.21
N SER B 187 -15.24 6.73 1.30
CA SER B 187 -14.85 7.84 0.48
C SER B 187 -15.99 8.28 -0.40
N LEU B 188 -16.67 7.32 -1.00
CA LEU B 188 -17.78 7.64 -1.85
C LEU B 188 -18.88 8.28 -1.06
N ASP B 189 -19.16 7.77 0.13
CA ASP B 189 -20.24 8.32 0.92
C ASP B 189 -20.00 9.77 1.23
N LYS B 190 -18.81 10.09 1.69
CA LYS B 190 -18.61 11.46 2.02
C LYS B 190 -18.70 12.32 0.77
N MET B 191 -18.17 11.85 -0.34
CA MET B 191 -18.28 12.67 -1.52
C MET B 191 -19.74 12.90 -1.89
N ILE B 192 -20.60 11.90 -1.73
CA ILE B 192 -22.01 12.13 -2.07
C ILE B 192 -22.49 13.31 -1.30
N GLN B 193 -22.11 13.35 -0.04
CA GLN B 193 -22.55 14.41 0.85
C GLN B 193 -21.84 15.73 0.63
N TYR B 194 -20.62 15.77 0.11
CA TYR B 194 -19.92 17.05 0.02
C TYR B 194 -19.68 17.63 -1.36
N THR B 195 -19.61 16.83 -2.41
CA THR B 195 -19.24 17.35 -3.72
C THR B 195 -20.43 17.78 -4.56
N ASP B 196 -20.15 18.64 -5.53
CA ASP B 196 -21.14 19.05 -6.49
C ASP B 196 -21.07 18.21 -7.72
N GLU B 197 -19.87 17.84 -8.13
CA GLU B 197 -19.70 17.05 -9.32
C GLU B 197 -18.42 16.25 -9.25
N THR B 198 -18.45 15.03 -9.73
CA THR B 198 -17.23 14.27 -9.70
C THR B 198 -17.09 13.39 -10.91
N VAL B 199 -15.85 13.20 -11.31
CA VAL B 199 -15.53 12.36 -12.43
C VAL B 199 -14.78 11.18 -11.90
N VAL B 200 -15.28 10.02 -12.18
CA VAL B 200 -14.67 8.84 -11.63
C VAL B 200 -14.13 7.98 -12.73
N ILE B 201 -12.87 7.62 -12.57
CA ILE B 201 -12.13 6.78 -13.50
C ILE B 201 -11.79 5.48 -12.81
N ASP B 202 -12.06 4.38 -13.49
CA ASP B 202 -11.87 3.04 -12.96
C ASP B 202 -10.56 2.45 -13.47
N ASN B 203 -9.63 2.13 -12.57
CA ASN B 203 -8.36 1.60 -13.08
C ASN B 203 -8.56 0.29 -13.82
N HIS B 204 -9.67 -0.38 -13.61
CA HIS B 204 -9.97 -1.60 -14.35
C HIS B 204 -10.06 -1.27 -15.82
N ALA B 205 -10.73 -0.18 -16.11
CA ALA B 205 -10.93 0.25 -17.47
C ALA B 205 -9.64 0.60 -18.10
N LEU B 206 -8.84 1.32 -17.38
CA LEU B 206 -7.67 1.82 -17.99
C LEU B 206 -6.76 0.70 -18.27
N PHE B 207 -6.74 -0.27 -17.39
CA PHE B 207 -5.89 -1.35 -17.69
C PHE B 207 -6.33 -1.84 -19.00
N GLN B 208 -7.54 -2.31 -19.04
CA GLN B 208 -7.99 -2.97 -20.23
C GLN B 208 -7.62 -2.20 -21.48
N ILE B 209 -7.73 -0.87 -21.42
CA ILE B 209 -7.41 -0.07 -22.57
C ILE B 209 -5.92 -0.16 -22.88
N VAL B 210 -5.08 -0.02 -21.86
CA VAL B 210 -3.65 -0.09 -22.07
C VAL B 210 -3.28 -1.43 -22.64
N THR B 211 -3.85 -2.46 -22.05
CA THR B 211 -3.52 -3.82 -22.42
C THR B 211 -3.88 -4.13 -23.86
N LYS B 212 -5.07 -3.77 -24.31
CA LYS B 212 -5.48 -4.20 -25.64
C LYS B 212 -5.56 -3.12 -26.69
N ASN B 213 -5.88 -1.91 -26.34
CA ASN B 213 -6.04 -0.90 -27.36
C ASN B 213 -4.75 -0.14 -27.57
N MET B 214 -3.99 0.05 -26.52
CA MET B 214 -2.73 0.73 -26.71
C MET B 214 -1.63 -0.25 -27.11
N GLY B 215 -1.83 -1.53 -26.87
CA GLY B 215 -0.85 -2.55 -27.20
C GLY B 215 0.35 -2.60 -26.29
N ILE B 216 0.20 -2.20 -25.04
CA ILE B 216 1.32 -2.16 -24.12
C ILE B 216 1.22 -3.29 -23.13
N ASP B 217 2.17 -4.21 -23.18
CA ASP B 217 2.14 -5.32 -22.26
C ASP B 217 2.77 -4.85 -20.98
N ASP B 218 2.83 -5.71 -19.96
CA ASP B 218 3.41 -5.34 -18.67
C ASP B 218 2.91 -3.96 -18.22
N PRO B 219 1.61 -3.72 -18.13
CA PRO B 219 1.14 -2.37 -17.80
C PRO B 219 1.67 -1.95 -16.47
N ILE B 220 2.05 -0.69 -16.35
CA ILE B 220 2.55 -0.12 -15.12
C ILE B 220 1.83 1.17 -14.81
N TYR B 221 1.96 1.62 -13.56
CA TYR B 221 1.25 2.83 -13.20
C TYR B 221 1.78 4.03 -13.95
N ASP B 222 3.05 4.01 -14.32
CA ASP B 222 3.58 5.14 -15.07
C ASP B 222 2.82 5.39 -16.37
N ASP B 223 2.25 4.37 -17.00
CA ASP B 223 1.50 4.62 -18.22
C ASP B 223 0.03 4.97 -17.93
N LEU B 224 -0.52 4.32 -16.92
CA LEU B 224 -1.90 4.58 -16.55
C LEU B 224 -2.03 6.03 -16.15
N ASN B 225 -1.04 6.54 -15.47
CA ASN B 225 -1.13 7.91 -15.04
C ASN B 225 -1.16 8.82 -16.21
N HIS B 226 -0.71 8.32 -17.36
CA HIS B 226 -0.73 9.18 -18.51
C HIS B 226 -2.13 9.36 -18.84
N VAL B 227 -2.69 8.25 -19.20
CA VAL B 227 -3.98 8.41 -19.78
C VAL B 227 -4.88 9.19 -18.85
N ILE B 228 -4.66 9.09 -17.55
CA ILE B 228 -5.46 9.87 -16.63
C ILE B 228 -5.16 11.35 -16.80
N SER B 229 -3.88 11.72 -16.82
CA SER B 229 -3.58 13.14 -16.90
C SER B 229 -3.98 13.71 -18.23
N GLN B 230 -3.91 12.88 -19.27
CA GLN B 230 -4.27 13.31 -20.61
C GLN B 230 -5.76 13.62 -20.68
N ALA B 231 -6.57 12.78 -20.07
CA ALA B 231 -7.98 13.08 -20.06
C ALA B 231 -8.26 14.31 -19.25
N LEU B 232 -7.55 14.49 -18.14
CA LEU B 232 -7.81 15.62 -17.27
C LEU B 232 -7.45 16.91 -17.94
N SER B 233 -6.35 16.93 -18.65
CA SER B 233 -5.98 18.15 -19.32
C SER B 233 -6.95 18.46 -20.46
N ASP B 234 -7.60 17.44 -21.02
CA ASP B 234 -8.61 17.75 -22.02
C ASP B 234 -9.91 18.23 -21.37
N ILE B 235 -10.35 17.57 -20.31
CA ILE B 235 -11.62 17.91 -19.71
C ILE B 235 -11.60 19.34 -19.21
N THR B 236 -10.53 19.74 -18.58
CA THR B 236 -10.45 21.06 -18.00
C THR B 236 -10.08 22.12 -19.02
N ALA B 237 -9.86 21.72 -20.27
CA ALA B 237 -9.40 22.63 -21.32
C ALA B 237 -10.38 23.76 -21.60
N SER B 238 -11.68 23.55 -21.46
CA SER B 238 -12.57 24.63 -21.81
C SER B 238 -12.36 25.79 -20.89
N LEU B 239 -11.82 25.54 -19.73
CA LEU B 239 -11.67 26.61 -18.76
C LEU B 239 -10.49 27.49 -19.10
N ARG B 240 -9.69 27.09 -20.09
CA ARG B 240 -8.49 27.81 -20.44
C ARG B 240 -8.57 28.60 -21.74
N PHE B 241 -9.68 28.54 -22.45
CA PHE B 241 -9.71 29.19 -23.76
C PHE B 241 -11.02 29.90 -24.05
N LYS B 242 -10.93 30.87 -24.95
CA LYS B 242 -12.14 31.44 -25.49
C LYS B 242 -12.93 30.30 -26.13
N GLY B 243 -14.20 30.18 -25.78
CA GLY B 243 -14.99 29.10 -26.33
C GLY B 243 -16.41 29.22 -25.82
N SER B 244 -17.17 28.14 -26.01
CA SER B 244 -18.57 28.10 -25.60
C SER B 244 -18.79 26.82 -24.80
N LEU B 245 -20.05 26.43 -24.67
CA LEU B 245 -20.44 25.29 -23.89
C LEU B 245 -20.09 25.56 -22.44
N ASN B 246 -19.52 24.59 -21.79
CA ASN B 246 -19.24 24.71 -20.40
C ASN B 246 -17.91 25.36 -20.24
N THR B 247 -17.94 26.67 -20.12
CA THR B 247 -16.78 27.52 -19.97
C THR B 247 -16.54 27.92 -18.54
N ASP B 248 -17.39 27.44 -17.64
CA ASP B 248 -17.39 27.77 -16.23
C ASP B 248 -17.90 26.58 -15.45
N MET B 249 -17.28 26.31 -14.32
CA MET B 249 -17.71 25.18 -13.52
C MET B 249 -19.22 25.18 -13.27
N LYS B 250 -19.82 26.37 -13.12
CA LYS B 250 -21.25 26.43 -12.85
C LYS B 250 -22.06 25.91 -14.01
N GLU B 251 -21.62 26.21 -15.22
CA GLU B 251 -22.37 25.78 -16.38
C GLU B 251 -22.28 24.28 -16.51
N PHE B 252 -21.14 23.73 -16.12
CA PHE B 252 -21.01 22.29 -16.13
C PHE B 252 -22.06 21.70 -15.25
N LEU B 253 -22.21 22.25 -14.02
CA LEU B 253 -23.19 21.66 -13.11
C LEU B 253 -24.58 21.69 -13.71
N VAL B 254 -24.92 22.81 -14.37
CA VAL B 254 -26.25 22.91 -14.94
C VAL B 254 -26.47 21.85 -15.98
N ASN B 255 -25.49 21.63 -16.81
CA ASN B 255 -25.66 20.68 -17.89
C ASN B 255 -25.48 19.25 -17.47
N LEU B 256 -24.68 18.99 -16.48
CA LEU B 256 -24.33 17.62 -16.16
C LEU B 256 -25.06 16.99 -14.97
N VAL B 257 -25.67 17.73 -14.06
CA VAL B 257 -26.29 17.08 -12.90
C VAL B 257 -27.74 17.48 -12.71
N PRO B 258 -28.68 16.93 -13.46
CA PRO B 258 -30.08 17.17 -13.17
C PRO B 258 -30.44 16.30 -11.98
N TYR B 259 -31.27 16.82 -11.08
CA TYR B 259 -31.61 16.08 -9.85
C TYR B 259 -30.40 16.02 -8.94
N PRO B 260 -30.58 15.74 -7.66
CA PRO B 260 -29.46 15.77 -6.73
C PRO B 260 -28.78 14.42 -6.61
N ARG B 261 -27.61 14.41 -5.99
CA ARG B 261 -26.87 13.19 -5.69
C ARG B 261 -26.34 12.44 -6.88
N SER B 262 -27.05 12.40 -7.99
CA SER B 262 -26.60 11.56 -9.09
C SER B 262 -25.61 12.34 -9.94
N HIS B 263 -24.45 12.62 -9.36
CA HIS B 263 -23.52 13.50 -10.02
C HIS B 263 -22.21 12.82 -10.33
N PHE B 264 -22.26 11.56 -10.57
CA PHE B 264 -21.09 10.79 -10.87
C PHE B 264 -20.96 10.63 -12.37
N LEU B 265 -19.91 11.21 -12.94
CA LEU B 265 -19.70 11.22 -14.36
C LEU B 265 -18.62 10.28 -14.82
N MET B 266 -18.82 9.70 -15.98
CA MET B 266 -17.81 8.89 -16.61
C MET B 266 -16.95 9.70 -17.55
N ALA B 267 -15.67 9.38 -17.62
CA ALA B 267 -14.80 10.06 -18.55
C ALA B 267 -14.65 9.27 -19.83
N SER B 268 -14.70 9.99 -20.94
CA SER B 268 -14.47 9.44 -22.26
C SER B 268 -13.43 10.29 -22.97
N PHE B 269 -12.36 9.67 -23.47
CA PHE B 269 -11.29 10.46 -24.09
C PHE B 269 -10.60 9.81 -25.28
N ALA B 270 -10.33 10.61 -26.32
CA ALA B 270 -9.65 10.07 -27.50
C ALA B 270 -8.90 11.15 -28.27
N PRO B 271 -7.86 10.80 -29.02
CA PRO B 271 -7.18 9.52 -29.21
C PRO B 271 -6.25 9.22 -28.09
N MET B 272 -5.92 7.97 -27.92
CA MET B 272 -4.97 7.61 -26.91
C MET B 272 -3.66 7.45 -27.62
N ALA B 273 -3.17 8.56 -28.06
CA ALA B 273 -1.88 8.51 -28.69
C ALA B 273 -0.83 7.98 -27.74
N THR B 274 -0.98 8.24 -26.43
CA THR B 274 0.04 7.90 -25.45
C THR B 274 1.42 8.19 -26.01
N ALA B 275 2.25 7.19 -26.19
CA ALA B 275 3.61 7.42 -26.65
C ALA B 275 3.89 6.70 -27.95
N GLU B 276 2.98 5.85 -28.40
CA GLU B 276 3.14 5.17 -29.66
C GLU B 276 3.26 6.21 -30.76
N ASP B 277 3.97 5.84 -31.84
CA ASP B 277 4.07 6.76 -32.96
C ASP B 277 2.70 7.26 -33.34
N ARG B 278 1.71 6.39 -33.21
CA ARG B 278 0.33 6.78 -33.43
C ARG B 278 0.18 7.59 -34.70
N GLN B 279 0.83 7.15 -35.77
CA GLN B 279 0.58 7.81 -37.02
C GLN B 279 -0.89 7.61 -37.19
N TYR B 280 -1.57 8.57 -37.76
CA TYR B 280 -3.02 8.49 -37.87
C TYR B 280 -3.45 8.56 -39.33
N ALA B 281 -3.98 7.47 -39.84
CA ALA B 281 -4.49 7.47 -41.20
C ALA B 281 -5.92 7.98 -41.25
N LYS B 282 -6.53 8.19 -40.08
CA LYS B 282 -7.90 8.63 -40.05
C LYS B 282 -8.13 9.90 -39.24
N LEU B 283 -8.16 9.79 -37.92
CA LEU B 283 -8.46 10.93 -37.07
C LEU B 283 -9.71 11.61 -37.56
N THR B 284 -10.44 10.95 -38.47
CA THR B 284 -11.62 11.58 -39.02
C THR B 284 -12.67 11.75 -37.96
N THR B 285 -13.43 12.83 -38.10
CA THR B 285 -14.50 13.13 -37.19
C THR B 285 -15.61 12.13 -37.33
N SER B 286 -15.70 11.48 -38.49
CA SER B 286 -16.69 10.44 -38.72
C SER B 286 -16.41 9.26 -37.82
N ASN B 287 -15.23 9.23 -37.25
CA ASN B 287 -14.89 8.24 -36.27
C ASN B 287 -14.81 8.87 -34.91
N LEU B 288 -14.09 9.98 -34.76
CA LEU B 288 -13.88 10.58 -33.45
C LEU B 288 -15.18 10.83 -32.71
N ALA B 289 -16.16 11.39 -33.42
CA ALA B 289 -17.39 11.68 -32.73
C ALA B 289 -18.02 10.42 -32.21
N ASN B 290 -17.85 9.33 -32.92
CA ASN B 290 -18.42 8.09 -32.48
C ASN B 290 -17.53 7.43 -31.46
N ALA B 291 -16.24 7.65 -31.60
CA ALA B 291 -15.28 7.03 -30.75
C ALA B 291 -15.54 7.37 -29.33
N LEU B 292 -16.02 8.58 -29.10
CA LEU B 292 -16.23 9.01 -27.73
C LEU B 292 -17.43 8.33 -27.09
N PHE B 293 -18.20 7.56 -27.85
CA PHE B 293 -19.26 6.74 -27.33
C PHE B 293 -18.93 5.27 -27.43
N GLU B 294 -17.68 4.95 -27.75
CA GLU B 294 -17.24 3.57 -27.84
C GLU B 294 -16.54 3.14 -26.56
N GLU B 295 -16.67 1.85 -26.24
CA GLU B 295 -16.11 1.31 -25.02
C GLU B 295 -14.61 1.44 -24.97
N ASN B 296 -13.99 1.59 -26.11
CA ASN B 296 -12.55 1.65 -26.23
C ASN B 296 -11.97 2.87 -25.60
N TYR B 297 -12.79 3.87 -25.38
CA TYR B 297 -12.29 5.09 -24.81
C TYR B 297 -12.99 5.37 -23.51
N MET B 298 -13.67 4.37 -22.95
CA MET B 298 -14.40 4.57 -21.72
C MET B 298 -13.55 4.24 -20.52
N MET B 299 -13.23 5.26 -19.78
CA MET B 299 -12.36 5.13 -18.64
C MET B 299 -13.11 4.63 -17.41
N ALA B 300 -14.39 4.37 -17.58
CA ALA B 300 -15.28 3.89 -16.55
C ALA B 300 -15.53 2.39 -16.62
N ALA B 301 -15.18 1.71 -17.69
CA ALA B 301 -15.49 0.29 -17.87
C ALA B 301 -16.99 -0.02 -17.86
N VAL B 302 -17.79 0.84 -18.47
CA VAL B 302 -19.23 0.66 -18.56
C VAL B 302 -19.69 0.83 -20.00
N ASP B 303 -20.57 -0.04 -20.45
CA ASP B 303 -21.07 0.07 -21.82
C ASP B 303 -22.22 1.07 -21.93
N VAL B 304 -21.97 2.25 -22.54
CA VAL B 304 -22.97 3.32 -22.66
C VAL B 304 -24.09 2.95 -23.60
N THR B 305 -23.93 1.83 -24.29
CA THR B 305 -24.94 1.32 -25.19
C THR B 305 -26.19 0.96 -24.45
N LYS B 306 -26.06 0.40 -23.26
CA LYS B 306 -27.24 -0.09 -22.57
C LYS B 306 -27.41 0.65 -21.27
N GLY B 307 -28.24 1.69 -21.31
CA GLY B 307 -28.45 2.56 -20.17
C GLY B 307 -29.11 3.84 -20.63
N THR B 308 -29.47 4.69 -19.69
CA THR B 308 -30.14 5.92 -20.05
C THR B 308 -29.31 7.13 -19.67
N PHE B 309 -29.11 8.02 -20.60
CA PHE B 309 -28.33 9.16 -20.30
C PHE B 309 -29.14 10.16 -19.58
N LEU B 310 -28.52 10.73 -18.59
CA LEU B 310 -29.10 11.82 -17.89
C LEU B 310 -28.52 13.11 -18.41
N ALA B 311 -27.28 13.03 -18.89
CA ALA B 311 -26.60 14.19 -19.43
C ALA B 311 -25.42 13.76 -20.28
N CYS B 312 -25.04 14.63 -21.22
CA CYS B 312 -23.83 14.41 -21.98
C CYS B 312 -23.30 15.69 -22.55
N SER B 313 -22.03 15.91 -22.31
CA SER B 313 -21.34 17.06 -22.84
C SER B 313 -20.17 16.55 -23.65
N LEU B 314 -20.25 16.76 -24.94
CA LEU B 314 -19.29 16.26 -25.89
C LEU B 314 -18.45 17.41 -26.44
N LEU B 315 -17.16 17.44 -26.09
CA LEU B 315 -16.28 18.55 -26.42
C LEU B 315 -15.25 18.17 -27.46
N PHE B 316 -15.13 18.99 -28.50
CA PHE B 316 -14.11 18.75 -29.48
C PHE B 316 -13.11 19.88 -29.46
N ARG B 317 -11.91 19.57 -29.89
CA ARG B 317 -10.85 20.54 -29.95
C ARG B 317 -10.16 20.52 -31.30
N GLY B 318 -9.66 21.70 -31.69
CA GLY B 318 -8.82 21.86 -32.86
C GLY B 318 -9.49 22.18 -34.17
N GLU B 319 -9.06 21.47 -35.20
CA GLU B 319 -9.39 21.70 -36.61
C GLU B 319 -10.75 21.15 -37.04
N ASN B 320 -11.50 20.53 -36.16
CA ASN B 320 -12.79 19.98 -36.55
C ASN B 320 -13.75 21.04 -37.04
N THR B 321 -14.43 20.70 -38.12
CA THR B 321 -15.46 21.52 -38.74
C THR B 321 -16.70 21.48 -37.88
N ALA B 322 -17.31 22.63 -37.64
CA ALA B 322 -18.52 22.64 -36.83
C ALA B 322 -19.65 21.85 -37.48
N GLN B 323 -19.72 21.92 -38.78
CA GLN B 323 -20.77 21.27 -39.54
C GLN B 323 -20.53 19.78 -39.64
N ASP B 324 -19.28 19.36 -39.73
CA ASP B 324 -19.05 17.95 -39.85
C ASP B 324 -19.40 17.28 -38.54
N ILE B 325 -19.08 17.92 -37.42
CA ILE B 325 -19.44 17.36 -36.13
C ILE B 325 -20.94 17.34 -36.02
N THR B 326 -21.57 18.45 -36.40
CA THR B 326 -23.01 18.47 -36.34
C THR B 326 -23.58 17.30 -37.12
N ASN B 327 -23.04 17.02 -38.29
CA ASN B 327 -23.53 15.89 -39.04
C ASN B 327 -23.16 14.59 -38.38
N ALA B 328 -22.01 14.54 -37.74
CA ALA B 328 -21.59 13.30 -37.09
C ALA B 328 -22.56 12.87 -36.02
N LEU B 329 -23.12 13.83 -35.31
CA LEU B 329 -24.04 13.52 -34.23
C LEU B 329 -25.29 12.83 -34.72
N LEU B 330 -25.62 12.98 -35.99
CA LEU B 330 -26.83 12.38 -36.51
C LEU B 330 -26.79 10.87 -36.40
N ASP B 331 -25.61 10.30 -36.44
CA ASP B 331 -25.48 8.86 -36.36
C ASP B 331 -25.17 8.39 -34.94
N ILE B 332 -25.17 9.30 -33.99
CA ILE B 332 -24.97 8.97 -32.60
C ILE B 332 -26.29 8.99 -31.88
N LYS B 333 -27.02 10.06 -32.08
CA LYS B 333 -28.32 10.18 -31.48
C LYS B 333 -29.17 9.02 -32.00
N GLY B 334 -29.84 8.32 -31.11
CA GLY B 334 -30.60 7.16 -31.51
C GLY B 334 -29.87 5.88 -31.21
N ARG B 335 -28.59 5.94 -30.98
CA ARG B 335 -27.89 4.82 -30.43
C ARG B 335 -27.79 5.13 -28.98
N ILE B 336 -27.74 6.42 -28.76
CA ILE B 336 -27.71 7.04 -27.47
C ILE B 336 -29.11 7.56 -27.15
N LYS B 337 -29.61 7.20 -25.99
CA LYS B 337 -30.93 7.59 -25.53
C LYS B 337 -30.85 8.26 -24.16
N PHE B 338 -31.72 9.24 -23.96
CA PHE B 338 -31.81 10.02 -22.76
C PHE B 338 -33.13 9.83 -22.07
N SER B 339 -33.15 10.15 -20.78
CA SER B 339 -34.36 10.04 -20.00
C SER B 339 -35.47 10.93 -20.51
N SER B 340 -36.67 10.40 -20.45
CA SER B 340 -37.88 11.07 -20.89
C SER B 340 -38.28 12.20 -19.97
N PHE B 341 -37.66 12.30 -18.81
CA PHE B 341 -38.04 13.30 -17.84
C PHE B 341 -37.16 14.53 -17.87
N ILE B 342 -36.29 14.64 -18.85
CA ILE B 342 -35.36 15.76 -18.92
C ILE B 342 -35.40 16.33 -20.33
N PRO B 343 -34.88 17.54 -20.53
CA PRO B 343 -34.55 18.04 -21.87
C PRO B 343 -33.52 17.09 -22.42
N THR B 344 -33.58 16.76 -23.70
CA THR B 344 -32.66 15.73 -24.20
C THR B 344 -31.78 16.20 -25.33
N GLY B 345 -30.82 15.33 -25.65
CA GLY B 345 -29.87 15.50 -26.73
C GLY B 345 -28.48 15.72 -26.20
N ILE B 346 -27.50 15.36 -27.02
CA ILE B 346 -26.13 15.54 -26.64
C ILE B 346 -25.80 16.99 -26.85
N LYS B 347 -25.20 17.61 -25.88
CA LYS B 347 -24.81 18.98 -26.05
C LYS B 347 -23.36 18.94 -26.50
N TYR B 348 -23.02 19.66 -27.55
CA TYR B 348 -21.66 19.58 -28.05
C TYR B 348 -21.23 20.87 -28.67
N GLY B 349 -19.94 21.00 -28.80
CA GLY B 349 -19.33 22.17 -29.40
C GLY B 349 -17.83 22.01 -29.39
N MET B 350 -17.11 23.08 -29.75
CA MET B 350 -15.67 22.91 -29.86
C MET B 350 -14.89 24.20 -29.66
N THR B 351 -13.61 24.03 -29.29
CA THR B 351 -12.64 25.12 -29.19
C THR B 351 -11.47 24.84 -30.13
N GLY B 352 -11.18 25.78 -31.03
CA GLY B 352 -10.17 25.57 -32.07
C GLY B 352 -8.70 25.68 -31.66
N THR B 353 -8.34 24.95 -30.63
CA THR B 353 -6.98 24.88 -30.12
C THR B 353 -6.61 23.42 -30.04
N ALA B 354 -5.36 23.12 -29.73
CA ALA B 354 -5.07 21.71 -29.65
C ALA B 354 -3.80 21.45 -28.87
N PRO B 355 -3.69 20.28 -28.25
CA PRO B 355 -2.46 19.83 -27.61
C PRO B 355 -1.43 19.41 -28.65
N GLU B 356 -0.16 19.44 -28.24
CA GLU B 356 0.93 19.07 -29.14
C GLU B 356 0.75 17.67 -29.71
N GLY B 357 0.88 17.59 -31.03
CA GLY B 357 0.81 16.34 -31.75
C GLY B 357 -0.53 16.04 -32.38
N LEU B 358 -1.57 16.75 -32.01
CA LEU B 358 -2.88 16.43 -32.56
C LEU B 358 -3.55 17.60 -33.22
N GLU B 359 -3.98 17.40 -34.44
CA GLU B 359 -4.76 18.38 -35.16
C GLU B 359 -6.17 18.49 -34.62
N ARG B 360 -6.73 17.35 -34.23
CA ARG B 360 -8.08 17.25 -33.71
C ARG B 360 -8.19 16.14 -32.68
N SER B 361 -8.98 16.37 -31.66
CA SER B 361 -9.17 15.43 -30.57
C SER B 361 -10.41 15.80 -29.79
N GLY B 362 -10.79 14.96 -28.81
CA GLY B 362 -11.93 15.34 -28.00
C GLY B 362 -12.20 14.42 -26.81
N SER B 363 -13.25 14.78 -26.07
CA SER B 363 -13.62 14.05 -24.86
C SER B 363 -15.08 14.23 -24.55
N ALA B 364 -15.57 13.41 -23.64
CA ALA B 364 -16.95 13.59 -23.23
C ALA B 364 -17.15 13.27 -21.76
N LEU B 365 -18.09 13.99 -21.17
CA LEU B 365 -18.53 13.73 -19.81
C LEU B 365 -19.92 13.14 -19.90
N ILE B 366 -20.07 11.92 -19.45
CA ILE B 366 -21.34 11.24 -19.59
C ILE B 366 -21.91 10.86 -18.23
N ASN B 367 -23.15 11.25 -18.02
CA ASN B 367 -23.86 10.91 -16.80
C ASN B 367 -24.92 9.91 -17.21
N HIS B 368 -24.74 8.65 -16.89
CA HIS B 368 -25.79 7.75 -17.30
C HIS B 368 -25.93 6.65 -16.28
N THR B 369 -27.04 5.92 -16.39
CA THR B 369 -27.45 4.96 -15.37
C THR B 369 -26.47 3.82 -15.18
N GLY B 370 -25.64 3.52 -16.16
CA GLY B 370 -24.71 2.42 -16.01
C GLY B 370 -23.64 2.67 -14.99
N VAL B 371 -23.55 3.88 -14.45
CA VAL B 371 -22.58 4.14 -13.40
C VAL B 371 -22.89 3.29 -12.20
N ALA B 372 -24.14 2.85 -12.11
CA ALA B 372 -24.57 2.02 -11.02
C ALA B 372 -23.77 0.76 -10.95
N GLU B 373 -23.31 0.26 -12.08
CA GLU B 373 -22.58 -0.98 -12.07
C GLU B 373 -21.24 -0.83 -11.41
N ILE B 374 -20.66 0.33 -11.49
CA ILE B 374 -19.41 0.53 -10.82
C ILE B 374 -19.63 0.41 -9.34
N PHE B 375 -20.67 1.07 -8.90
CA PHE B 375 -20.97 1.03 -7.49
C PHE B 375 -21.33 -0.36 -7.08
N ASN B 376 -22.02 -1.10 -7.92
CA ASN B 376 -22.43 -2.43 -7.54
C ASN B 376 -21.23 -3.32 -7.30
N ARG B 377 -20.20 -3.20 -8.12
CA ARG B 377 -19.03 -4.02 -7.91
C ARG B 377 -18.39 -3.70 -6.59
N ILE B 378 -18.24 -2.41 -6.29
CA ILE B 378 -17.58 -2.06 -5.06
C ILE B 378 -18.38 -2.49 -3.86
N LEU B 379 -19.67 -2.25 -3.88
CA LEU B 379 -20.48 -2.65 -2.76
C LEU B 379 -20.44 -4.14 -2.57
N ALA B 380 -20.51 -4.91 -3.61
CA ALA B 380 -20.48 -6.34 -3.37
C ALA B 380 -19.24 -6.74 -2.59
N GLN B 381 -18.08 -6.18 -2.95
CA GLN B 381 -16.90 -6.60 -2.22
C GLN B 381 -17.01 -6.14 -0.79
N PHE B 382 -17.53 -4.95 -0.61
CA PHE B 382 -17.64 -4.43 0.73
C PHE B 382 -18.55 -5.27 1.58
N ASN B 383 -19.70 -5.60 1.05
CA ASN B 383 -20.65 -6.33 1.83
C ASN B 383 -20.05 -7.62 2.35
N LEU B 384 -19.28 -8.30 1.52
CA LEU B 384 -18.65 -9.51 2.02
C LEU B 384 -17.65 -9.23 3.14
N MET B 385 -16.79 -8.23 2.95
CA MET B 385 -15.80 -7.88 3.96
C MET B 385 -16.43 -7.60 5.29
N PHE B 386 -17.41 -6.75 5.26
CA PHE B 386 -18.01 -6.30 6.48
C PHE B 386 -18.79 -7.38 7.16
N ASP B 387 -19.62 -8.08 6.43
CA ASP B 387 -20.49 -9.00 7.12
C ASP B 387 -19.71 -10.05 7.88
N LYS B 388 -18.55 -10.48 7.43
CA LYS B 388 -17.84 -11.47 8.22
C LYS B 388 -16.75 -10.85 9.06
N GLY B 389 -16.70 -9.54 9.11
CA GLY B 389 -15.81 -8.80 9.95
C GLY B 389 -14.36 -8.71 9.54
N ALA B 390 -14.02 -8.96 8.30
CA ALA B 390 -12.62 -8.94 7.98
C ALA B 390 -12.06 -7.54 8.10
N PHE B 391 -10.89 -7.43 8.67
CA PHE B 391 -10.14 -6.20 8.74
C PHE B 391 -10.85 -5.13 9.49
N LEU B 392 -11.89 -5.43 10.23
CA LEU B 392 -12.56 -4.36 10.93
C LEU B 392 -11.66 -3.71 11.91
N ASN B 393 -10.77 -4.48 12.52
CA ASN B 393 -9.95 -3.92 13.57
C ASN B 393 -9.07 -2.81 13.08
N TRP B 394 -8.71 -2.82 11.82
CA TRP B 394 -7.81 -1.76 11.41
C TRP B 394 -8.53 -0.44 11.33
N TYR B 395 -9.83 -0.47 11.49
CA TYR B 395 -10.66 0.69 11.51
C TYR B 395 -11.17 0.96 12.91
N GLU B 396 -11.59 -0.10 13.59
CA GLU B 396 -12.14 0.02 14.93
C GLU B 396 -11.13 0.58 15.88
N ILE B 397 -9.86 0.23 15.68
CA ILE B 397 -8.79 0.70 16.55
C ILE B 397 -8.71 2.21 16.59
N GLU B 398 -9.08 2.91 15.51
CA GLU B 398 -9.00 4.36 15.51
C GLU B 398 -10.31 5.02 15.83
N GLY B 399 -11.34 4.24 16.16
CA GLY B 399 -12.65 4.77 16.42
C GLY B 399 -13.63 4.68 15.26
N MET B 400 -13.29 3.99 14.21
CA MET B 400 -14.20 3.92 13.08
C MET B 400 -15.23 2.85 13.38
N SER B 401 -16.32 3.28 13.97
CA SER B 401 -17.36 2.39 14.44
C SER B 401 -18.05 1.62 13.36
N LYS B 402 -18.57 0.48 13.77
CA LYS B 402 -19.36 -0.37 12.89
C LYS B 402 -20.57 0.36 12.35
N ASP B 403 -21.00 1.40 13.06
CA ASP B 403 -22.15 2.16 12.64
C ASP B 403 -21.84 3.03 11.46
N ASP B 404 -20.58 3.40 11.28
CA ASP B 404 -20.21 4.22 10.14
C ASP B 404 -20.06 3.32 8.95
N PHE B 405 -19.67 2.08 9.19
CA PHE B 405 -19.62 1.16 8.08
C PHE B 405 -21.00 1.02 7.52
N ALA B 406 -21.96 0.84 8.41
CA ALA B 406 -23.34 0.65 7.98
C ALA B 406 -23.86 1.88 7.28
N GLY B 407 -23.50 3.06 7.78
CA GLY B 407 -23.98 4.29 7.17
C GLY B 407 -23.53 4.43 5.73
N ALA B 408 -22.24 4.24 5.50
CA ALA B 408 -21.76 4.33 4.15
C ALA B 408 -22.41 3.28 3.30
N ARG B 409 -22.61 2.10 3.86
CA ARG B 409 -23.23 1.04 3.10
C ARG B 409 -24.55 1.51 2.56
N ASP B 410 -25.33 2.15 3.42
CA ASP B 410 -26.65 2.58 3.00
C ASP B 410 -26.62 3.69 1.96
N ASN B 411 -25.76 4.67 2.12
CA ASN B 411 -25.87 5.75 1.16
C ASN B 411 -25.38 5.34 -0.21
N VAL B 412 -24.33 4.54 -0.26
CA VAL B 412 -23.84 4.18 -1.57
C VAL B 412 -24.85 3.26 -2.24
N GLN B 413 -25.48 2.38 -1.47
CA GLN B 413 -26.49 1.54 -2.06
C GLN B 413 -27.59 2.39 -2.59
N LYS B 414 -27.94 3.46 -1.87
CA LYS B 414 -28.99 4.30 -2.40
C LYS B 414 -28.62 4.88 -3.75
N LEU B 415 -27.36 5.30 -3.93
CA LEU B 415 -27.05 5.85 -5.26
C LEU B 415 -27.38 4.84 -6.30
N SER B 416 -26.98 3.63 -6.07
CA SER B 416 -27.19 2.66 -7.12
C SER B 416 -28.67 2.53 -7.39
N ASP B 417 -29.47 2.48 -6.34
CA ASP B 417 -30.89 2.31 -6.52
C ASP B 417 -31.48 3.47 -7.32
N GLU B 418 -30.99 4.66 -7.06
CA GLU B 418 -31.50 5.83 -7.74
C GLU B 418 -31.21 5.78 -9.22
N TYR B 419 -30.06 5.23 -9.62
CA TYR B 419 -29.77 5.14 -11.05
C TYR B 419 -30.51 4.00 -11.70
N LYS B 420 -30.69 2.91 -10.99
CA LYS B 420 -31.30 1.74 -11.57
C LYS B 420 -32.73 2.01 -11.94
N ARG B 421 -33.42 2.79 -11.14
CA ARG B 421 -34.82 3.06 -11.40
C ARG B 421 -35.02 3.90 -12.65
N ASP B 422 -33.97 4.48 -13.21
CA ASP B 422 -34.15 5.30 -14.39
C ASP B 422 -33.99 4.51 -15.66
N GLU B 423 -33.80 3.21 -15.58
CA GLU B 423 -33.59 2.44 -16.82
C GLU B 423 -34.79 2.42 -17.76
N GLU B 424 -36.02 2.40 -17.25
CA GLU B 424 -37.26 2.39 -18.06
C GLU B 424 -38.35 2.97 -17.17
PB GDP C . 19.97 -17.25 25.13
O1B GDP C . 18.50 -16.97 25.23
O2B GDP C . 20.50 -17.51 26.57
O3B GDP C . 20.67 -16.04 24.46
O3A GDP C . 20.16 -18.59 24.28
PA GDP C . 19.59 -19.01 22.85
O1A GDP C . 19.12 -17.78 22.14
O2A GDP C . 20.73 -19.72 22.11
O5' GDP C . 18.37 -20.02 23.13
C5' GDP C . 18.31 -21.43 22.83
C4' GDP C . 17.15 -21.76 21.89
O4' GDP C . 17.32 -20.97 20.72
C3' GDP C . 17.08 -23.20 21.41
O3' GDP C . 15.72 -23.64 21.19
C2' GDP C . 17.85 -23.18 20.10
O2' GDP C . 17.47 -24.19 19.17
C1' GDP C . 17.53 -21.80 19.55
N9 GDP C . 18.63 -21.23 18.72
C8 GDP C . 19.78 -20.73 19.25
N7 GDP C . 20.57 -20.23 18.32
C5 GDP C . 19.97 -20.38 17.15
C6 GDP C . 20.33 -20.04 15.79
O6 GDP C . 21.42 -19.50 15.56
N1 GDP C . 19.47 -20.33 14.79
C2 GDP C . 18.27 -20.95 15.02
N2 GDP C . 17.47 -21.22 13.94
N3 GDP C . 17.89 -21.29 16.27
C4 GDP C . 18.69 -21.03 17.37
PG GTP D . -1.62 6.42 0.90
O1G GTP D . -0.55 7.46 0.69
O2G GTP D . -2.50 6.77 2.07
O3G GTP D . -1.09 5.01 0.93
O3B GTP D . -2.61 6.49 -0.35
PB GTP D . -2.32 6.17 -1.89
O1B GTP D . -2.79 7.27 -2.75
O2B GTP D . -0.92 5.73 -1.95
O3A GTP D . -3.16 4.88 -2.26
PA GTP D . -3.20 4.17 -3.66
O1A GTP D . -3.87 5.10 -4.59
O2A GTP D . -1.86 3.66 -3.98
O5' GTP D . -4.15 2.94 -3.32
C5' GTP D . -5.43 2.99 -3.92
C4' GTP D . -5.30 2.36 -5.27
O4' GTP D . -4.87 3.32 -6.23
C3' GTP D . -4.20 1.32 -5.38
O3' GTP D . -4.60 0.19 -4.62
C2' GTP D . -4.22 1.13 -6.89
O2' GTP D . -5.38 0.41 -7.23
C1' GTP D . -4.36 2.59 -7.34
N9 GTP D . -3.14 3.24 -7.80
C8 GTP D . -1.83 2.91 -7.56
N7 GTP D . -0.97 3.73 -8.11
C5 GTP D . -1.77 4.69 -8.71
C6 GTP D . -1.41 5.83 -9.44
O6 GTP D . -0.28 6.24 -9.70
N1 GTP D . -2.53 6.54 -9.87
C2 GTP D . -3.82 6.18 -9.64
N2 GTP D . -4.77 6.99 -10.13
N3 GTP D . -4.17 5.10 -8.97
C4 GTP D . -3.10 4.41 -8.53
#